data_2FIX
#
_entry.id   2FIX
#
_cell.length_a   84.400
_cell.length_b   108.672
_cell.length_c   196.395
_cell.angle_alpha   90.00
_cell.angle_beta   90.00
_cell.angle_gamma   90.00
#
_symmetry.space_group_name_H-M   'P 21 21 21'
#
loop_
_entity.id
_entity.type
_entity.pdbx_description
1 polymer 'Fructose-1,6-bisphosphatase 1'
2 non-polymer N-[7-(3-AMINOPHENYL)-5-METHOXY-1,3-BENZOXAZOL-2-YL]-2,5-DICHLOROBENZENESULFONAMIDE
#
_entity_poly.entity_id   1
_entity_poly.type   'polypeptide(L)'
_entity_poly.pdbx_seq_one_letter_code
;MADQAPFDTDVNTLTRFVMEEGRKARGTGELTQLLNSLCTAVKAISSAVRKAGIAHLYGIAGSTNVTGDQVKKLDVLSND
LVMNMLKSSFATCVLVSEEDKHAIIVEPEKRGKYVVCFDPLDGSSNIDCLVSVGTIFGIYRKKSTDEPSEKDALQPGRNL
VAAGYALYGSATMLVLAMDCGVNCFMLDPAIGEFILVDKDVKIKKKGKIYSLNEGYAKDFDPAVTEYIQRKKFPPDNSAP
YGARYVGSMVADVHRTLVYGGIFLYPANKKSPNGKLRLLYECNPMAYVMEKAGGMATTGKEAVLDVIPTDIHQRAPVILG
SPDDVLEFLKVYEKHSAQ
;
_entity_poly.pdbx_strand_id   A,D,H,L
#
# COMPACT_ATOMS: atom_id res chain seq x y z
N ASP A 10 22.75 12.43 4.62
CA ASP A 10 22.42 11.00 4.27
C ASP A 10 21.32 10.40 5.17
N VAL A 11 20.51 9.55 4.55
CA VAL A 11 19.38 8.89 5.18
C VAL A 11 19.71 7.96 6.34
N ASN A 12 18.64 7.39 6.94
CA ASN A 12 18.75 6.46 8.05
C ASN A 12 17.40 5.87 8.48
N THR A 13 17.22 4.58 8.19
CA THR A 13 15.99 3.86 8.55
C THR A 13 16.09 3.43 10.00
N LEU A 14 14.96 3.50 10.69
CA LEU A 14 14.91 3.10 12.09
C LEU A 14 15.50 1.74 12.30
N THR A 15 15.11 0.81 11.43
CA THR A 15 15.60 -0.55 11.52
C THR A 15 17.13 -0.59 11.36
N ARG A 16 17.76 0.53 11.00
CA ARG A 16 19.20 0.53 10.81
C ARG A 16 20.02 1.19 11.92
N PHE A 17 19.56 2.34 12.41
CA PHE A 17 20.23 3.11 13.46
C PHE A 17 20.28 2.30 14.76
N VAL A 18 19.41 1.31 14.82
CA VAL A 18 19.34 0.43 15.96
C VAL A 18 20.43 -0.60 15.75
N MET A 19 20.90 -0.69 14.51
CA MET A 19 21.96 -1.64 14.18
C MET A 19 23.27 -0.97 14.53
N GLU A 20 23.41 0.27 14.04
CA GLU A 20 24.57 1.11 14.28
C GLU A 20 24.84 1.27 15.76
N GLU A 21 23.91 1.90 16.48
CA GLU A 21 24.09 2.11 17.93
C GLU A 21 24.33 0.76 18.59
N GLY A 22 23.61 -0.24 18.09
CA GLY A 22 23.76 -1.57 18.62
C GLY A 22 25.24 -1.92 18.58
N ARG A 23 25.85 -1.88 17.39
CA ARG A 23 27.29 -2.19 17.27
C ARG A 23 27.97 -1.31 18.27
N LYS A 24 27.81 0.00 18.03
CA LYS A 24 28.37 1.05 18.86
C LYS A 24 28.46 0.73 20.36
N ALA A 25 27.65 -0.22 20.86
CA ALA A 25 27.69 -0.54 22.28
C ALA A 25 28.20 -1.96 22.62
N ARG A 26 28.21 -2.85 21.62
CA ARG A 26 28.69 -4.24 21.76
C ARG A 26 28.04 -5.08 22.88
N GLY A 27 26.75 -5.18 23.05
CA GLY A 27 25.99 -6.02 23.98
C GLY A 27 25.59 -7.38 23.44
N THR A 28 24.45 -7.87 23.90
CA THR A 28 23.91 -9.20 23.51
C THR A 28 23.34 -9.25 22.09
N GLY A 29 22.50 -8.29 21.75
CA GLY A 29 21.89 -8.28 20.44
C GLY A 29 20.41 -8.39 20.74
N GLU A 30 20.08 -8.96 21.89
CA GLU A 30 18.68 -9.04 22.26
C GLU A 30 17.92 -7.74 22.00
N LEU A 31 18.44 -6.64 22.59
CA LEU A 31 17.74 -5.36 22.48
C LEU A 31 17.41 -5.00 21.03
N THR A 32 18.35 -5.40 20.19
CA THR A 32 18.19 -5.22 18.75
C THR A 32 16.94 -5.89 18.24
N GLN A 33 16.99 -7.21 18.25
CA GLN A 33 15.85 -7.98 17.82
C GLN A 33 14.64 -7.31 18.46
N LEU A 34 14.81 -6.91 19.72
CA LEU A 34 13.73 -6.26 20.47
C LEU A 34 13.15 -5.16 19.62
N LEU A 35 13.95 -4.12 19.39
CA LEU A 35 13.50 -2.99 18.60
C LEU A 35 12.95 -3.42 17.25
N ASN A 36 13.73 -4.15 16.47
CA ASN A 36 13.22 -4.58 15.17
C ASN A 36 11.96 -5.42 15.35
N SER A 37 11.91 -6.21 16.41
CA SER A 37 10.72 -7.00 16.63
C SER A 37 9.70 -5.89 16.81
N LEU A 38 9.92 -5.12 17.87
CA LEU A 38 9.09 -3.99 18.22
C LEU A 38 8.54 -3.27 16.97
N CYS A 39 9.44 -2.60 16.26
CA CYS A 39 9.14 -1.89 15.02
C CYS A 39 8.09 -2.65 14.18
N THR A 40 8.49 -3.75 13.54
CA THR A 40 7.58 -4.54 12.72
C THR A 40 6.24 -4.83 13.37
N ALA A 41 6.17 -4.78 14.68
CA ALA A 41 4.89 -5.03 15.32
C ALA A 41 3.93 -3.88 15.07
N VAL A 42 4.47 -2.67 15.06
CA VAL A 42 3.70 -1.43 14.85
C VAL A 42 3.34 -1.16 13.40
N LYS A 43 4.16 -1.65 12.48
CA LYS A 43 3.88 -1.44 11.08
C LYS A 43 2.69 -2.31 10.77
N ALA A 44 2.58 -3.39 11.55
CA ALA A 44 1.50 -4.34 11.40
C ALA A 44 0.26 -3.94 12.17
N ILE A 45 0.33 -2.80 12.84
CA ILE A 45 -0.83 -2.35 13.55
C ILE A 45 -1.43 -1.17 12.80
N SER A 46 -0.61 -0.44 12.04
CA SER A 46 -1.12 0.67 11.24
C SER A 46 -2.05 0.04 10.23
N SER A 47 -1.54 -1.00 9.57
CA SER A 47 -2.29 -1.76 8.57
C SER A 47 -3.67 -2.10 9.07
N ALA A 48 -3.79 -2.42 10.35
CA ALA A 48 -5.09 -2.73 10.89
C ALA A 48 -5.69 -1.45 11.41
N VAL A 49 -4.86 -0.45 11.69
CA VAL A 49 -5.37 0.82 12.21
C VAL A 49 -6.21 1.60 11.22
N ARG A 50 -5.74 1.72 9.98
CA ARG A 50 -6.50 2.45 8.97
C ARG A 50 -7.45 1.48 8.29
N LYS A 51 -7.93 0.52 9.07
CA LYS A 51 -8.85 -0.46 8.56
C LYS A 51 -8.22 -1.02 7.30
N ALA A 52 -7.54 -2.16 7.44
CA ALA A 52 -6.85 -2.80 6.31
C ALA A 52 -7.75 -3.21 5.17
N GLY A 53 -8.00 -4.50 5.06
CA GLY A 53 -8.86 -4.99 4.00
C GLY A 53 -10.28 -5.03 4.48
N ILE A 54 -10.71 -3.99 5.17
CA ILE A 54 -12.08 -3.94 5.67
C ILE A 54 -13.02 -4.53 4.63
N ALA A 55 -12.63 -4.44 3.38
CA ALA A 55 -13.42 -4.97 2.29
C ALA A 55 -13.89 -6.39 2.52
N HIS A 56 -13.00 -7.28 2.93
CA HIS A 56 -13.42 -8.65 3.16
C HIS A 56 -14.48 -8.76 4.24
N LEU A 57 -14.22 -8.19 5.42
CA LEU A 57 -15.18 -8.28 6.53
C LEU A 57 -16.43 -7.46 6.35
N TYR A 58 -16.68 -7.02 5.12
CA TYR A 58 -17.90 -6.28 4.80
C TYR A 58 -18.60 -6.89 3.60
N GLY A 59 -18.12 -8.04 3.14
CA GLY A 59 -18.77 -8.74 2.04
C GLY A 59 -18.25 -8.57 0.63
N ILE A 60 -16.94 -8.42 0.46
CA ILE A 60 -16.37 -8.28 -0.88
C ILE A 60 -15.88 -9.64 -1.39
N ALA A 61 -16.49 -10.71 -0.86
CA ALA A 61 -16.13 -12.08 -1.23
C ALA A 61 -17.21 -13.11 -0.85
N GLY A 62 -18.11 -12.72 0.05
CA GLY A 62 -19.17 -13.62 0.49
C GLY A 62 -19.46 -13.57 1.98
N SER A 63 -18.92 -14.54 2.73
CA SER A 63 -19.08 -14.61 4.19
C SER A 63 -18.02 -13.77 4.94
N LYS A 73 -12.97 -5.35 17.91
CA LYS A 73 -12.04 -6.45 17.67
C LYS A 73 -10.62 -5.91 17.41
N LEU A 74 -10.47 -4.58 17.56
CA LEU A 74 -9.18 -3.92 17.30
C LEU A 74 -8.27 -3.76 18.51
N ASP A 75 -8.85 -3.64 19.69
CA ASP A 75 -8.05 -3.49 20.90
C ASP A 75 -7.41 -4.83 21.19
N VAL A 76 -7.66 -5.80 20.32
CA VAL A 76 -7.13 -7.14 20.47
C VAL A 76 -5.90 -7.43 19.59
N LEU A 77 -6.06 -7.28 18.29
CA LEU A 77 -4.94 -7.53 17.37
C LEU A 77 -3.71 -6.82 17.91
N SER A 78 -3.86 -5.52 18.08
CA SER A 78 -2.82 -4.61 18.57
C SER A 78 -1.99 -5.22 19.69
N ASN A 79 -2.57 -6.21 20.37
CA ASN A 79 -1.92 -6.91 21.48
C ASN A 79 -1.47 -8.28 20.98
N ASP A 80 -2.46 -9.04 20.47
CA ASP A 80 -2.21 -10.36 19.93
C ASP A 80 -1.02 -10.32 18.99
N LEU A 81 -0.60 -9.11 18.63
CA LEU A 81 0.54 -8.90 17.75
C LEU A 81 1.78 -8.54 18.53
N VAL A 82 1.75 -7.42 19.21
CA VAL A 82 2.91 -7.03 19.96
C VAL A 82 3.24 -8.19 20.88
N MET A 83 2.29 -8.56 21.71
CA MET A 83 2.51 -9.63 22.66
C MET A 83 3.37 -10.68 22.01
N ASN A 84 2.89 -11.21 20.89
CA ASN A 84 3.61 -12.24 20.15
C ASN A 84 4.99 -11.77 19.65
N MET A 85 5.04 -10.58 19.06
CA MET A 85 6.31 -10.07 18.54
C MET A 85 7.50 -10.12 19.50
N LEU A 86 7.21 -10.09 20.80
CA LEU A 86 8.25 -10.12 21.79
C LEU A 86 8.43 -11.51 22.39
N LYS A 87 7.34 -12.16 22.80
CA LYS A 87 7.48 -13.52 23.34
C LYS A 87 8.36 -14.22 22.33
N SER A 88 7.98 -14.06 21.07
CA SER A 88 8.67 -14.64 19.93
C SER A 88 9.93 -13.88 19.55
N SER A 89 10.06 -12.64 20.05
CA SER A 89 11.24 -11.85 19.75
C SER A 89 12.47 -12.63 20.22
N PHE A 90 12.36 -13.23 21.40
CA PHE A 90 13.43 -14.03 21.99
C PHE A 90 14.32 -13.22 22.94
N ALA A 91 13.92 -11.99 23.23
CA ALA A 91 14.73 -11.18 24.13
C ALA A 91 13.92 -10.70 25.32
N THR A 92 12.91 -11.48 25.68
CA THR A 92 12.03 -11.13 26.80
C THR A 92 11.79 -12.24 27.86
N CYS A 93 11.37 -11.78 29.05
CA CYS A 93 11.08 -12.61 30.22
C CYS A 93 9.71 -12.30 30.82
N VAL A 94 9.50 -11.03 31.12
CA VAL A 94 8.26 -10.58 31.72
C VAL A 94 7.65 -9.41 30.95
N LEU A 95 6.49 -9.65 30.34
CA LEU A 95 5.80 -8.60 29.57
C LEU A 95 4.48 -8.18 30.23
N VAL A 96 4.35 -6.89 30.52
CA VAL A 96 3.15 -6.37 31.16
C VAL A 96 2.26 -5.77 30.09
N SER A 97 1.05 -5.32 30.47
CA SER A 97 0.11 -4.72 29.51
C SER A 97 -1.24 -4.35 30.12
N GLU A 98 -1.83 -3.26 29.64
CA GLU A 98 -3.14 -2.79 30.10
C GLU A 98 -4.17 -3.72 29.48
N GLU A 99 -3.73 -4.90 29.05
CA GLU A 99 -4.64 -5.85 28.41
C GLU A 99 -4.94 -7.08 29.27
N ASP A 100 -4.13 -7.33 30.30
CA ASP A 100 -4.33 -8.51 31.13
C ASP A 100 -4.22 -8.25 32.62
N LYS A 101 -5.30 -8.50 33.34
CA LYS A 101 -5.30 -8.28 34.78
C LYS A 101 -4.01 -8.81 35.41
N HIS A 102 -3.56 -9.99 34.99
CA HIS A 102 -2.31 -10.56 35.53
C HIS A 102 -1.15 -10.44 34.54
N ALA A 103 0.05 -10.78 35.00
CA ALA A 103 1.25 -10.66 34.17
C ALA A 103 1.56 -11.86 33.32
N ILE A 104 2.18 -11.63 32.15
CA ILE A 104 2.56 -12.69 31.25
C ILE A 104 4.02 -13.00 31.45
N ILE A 105 4.34 -14.28 31.61
CA ILE A 105 5.74 -14.71 31.79
C ILE A 105 6.22 -15.52 30.58
N VAL A 106 7.20 -14.96 29.87
CA VAL A 106 7.77 -15.61 28.71
C VAL A 106 8.07 -17.09 29.02
N GLU A 107 8.31 -17.91 27.99
CA GLU A 107 8.59 -19.35 28.19
C GLU A 107 10.08 -19.73 28.20
N PRO A 108 10.47 -20.72 29.02
CA PRO A 108 11.86 -21.18 29.14
C PRO A 108 12.71 -21.08 27.89
N GLU A 109 12.15 -21.44 26.74
CA GLU A 109 12.90 -21.35 25.48
C GLU A 109 12.97 -19.91 24.95
N LYS A 110 11.81 -19.22 24.97
CA LYS A 110 11.65 -17.84 24.47
C LYS A 110 12.08 -16.67 25.40
N ARG A 111 12.98 -16.95 26.33
CA ARG A 111 13.40 -15.93 27.27
C ARG A 111 14.56 -15.06 26.85
N GLY A 112 14.65 -13.91 27.52
CA GLY A 112 15.69 -12.92 27.28
C GLY A 112 15.78 -12.02 28.51
N LYS A 113 16.94 -11.40 28.74
CA LYS A 113 17.13 -10.56 29.92
C LYS A 113 16.46 -9.18 29.96
N TYR A 114 15.46 -8.92 29.12
CA TYR A 114 14.78 -7.62 29.13
C TYR A 114 13.34 -7.72 29.60
N VAL A 115 12.70 -6.59 29.92
CA VAL A 115 11.30 -6.59 30.38
C VAL A 115 10.51 -5.53 29.66
N VAL A 116 9.25 -5.80 29.36
CA VAL A 116 8.46 -4.80 28.68
C VAL A 116 7.08 -4.55 29.23
N CYS A 117 6.77 -3.27 29.34
CA CYS A 117 5.47 -2.78 29.82
C CYS A 117 4.94 -2.03 28.60
N PHE A 118 3.64 -1.70 28.58
CA PHE A 118 3.10 -0.98 27.42
C PHE A 118 1.57 -0.96 27.34
N ASP A 119 1.06 -0.04 26.53
CA ASP A 119 -0.38 0.05 26.28
C ASP A 119 -0.44 -0.21 24.82
N PRO A 120 -1.06 -1.32 24.41
CA PRO A 120 -1.20 -1.72 23.02
C PRO A 120 -1.92 -0.73 22.09
N LEU A 121 -2.73 0.16 22.65
CA LEU A 121 -3.46 1.14 21.83
C LEU A 121 -4.28 2.15 22.63
N ASP A 122 -3.66 3.23 23.09
CA ASP A 122 -4.40 4.24 23.84
C ASP A 122 -5.21 5.10 22.88
N GLY A 123 -6.41 5.47 23.30
CA GLY A 123 -7.29 6.28 22.48
C GLY A 123 -8.37 5.33 21.99
N SER A 124 -8.16 4.05 22.28
CA SER A 124 -9.04 2.95 21.91
C SER A 124 -10.44 3.28 21.38
N SER A 125 -11.45 3.10 22.24
CA SER A 125 -12.87 3.34 21.92
C SER A 125 -13.18 4.67 21.25
N ASN A 126 -12.29 5.65 21.46
CA ASN A 126 -12.42 6.98 20.85
C ASN A 126 -11.96 6.96 19.38
N ILE A 127 -11.77 5.76 18.84
CA ILE A 127 -11.34 5.60 17.44
C ILE A 127 -12.53 5.42 16.51
N ASP A 128 -13.71 5.14 17.04
CA ASP A 128 -14.87 5.01 16.17
C ASP A 128 -14.88 6.28 15.37
N CYS A 129 -14.56 7.36 16.06
CA CYS A 129 -14.52 8.69 15.46
C CYS A 129 -13.15 8.95 14.85
N LEU A 130 -12.50 7.86 14.45
CA LEU A 130 -11.17 7.89 13.84
C LEU A 130 -10.18 8.88 14.43
N VAL A 131 -10.36 9.22 15.69
CA VAL A 131 -9.44 10.15 16.31
C VAL A 131 -8.19 9.33 16.63
N SER A 132 -7.04 9.92 16.34
CA SER A 132 -5.74 9.29 16.54
C SER A 132 -5.33 8.50 17.78
N VAL A 133 -4.72 7.35 17.54
CA VAL A 133 -4.26 6.46 18.60
C VAL A 133 -2.81 6.03 18.42
N GLY A 134 -2.24 5.37 19.42
CA GLY A 134 -0.85 4.96 19.25
C GLY A 134 -0.27 4.04 20.31
N THR A 135 0.70 3.24 19.89
CA THR A 135 1.35 2.29 20.77
C THR A 135 2.41 2.92 21.69
N ILE A 136 2.28 2.69 22.99
CA ILE A 136 3.21 3.23 24.00
C ILE A 136 3.97 2.06 24.67
N PHE A 137 5.20 2.30 25.10
CA PHE A 137 5.98 1.19 25.68
C PHE A 137 7.20 1.50 26.56
N GLY A 138 7.49 0.56 27.47
CA GLY A 138 8.62 0.67 28.38
C GLY A 138 9.46 -0.60 28.36
N ILE A 139 10.72 -0.44 27.94
CA ILE A 139 11.72 -1.52 27.85
C ILE A 139 12.67 -1.40 29.02
N TYR A 140 12.26 -1.89 30.17
CA TYR A 140 13.11 -1.82 31.34
C TYR A 140 13.99 -3.04 31.29
N ARG A 141 14.87 -3.19 32.26
CA ARG A 141 15.76 -4.35 32.31
C ARG A 141 15.52 -5.16 33.58
N LYS A 142 15.63 -6.48 33.49
CA LYS A 142 15.44 -7.34 34.65
C LYS A 142 16.67 -7.16 35.57
N LYS A 143 16.51 -7.41 36.87
CA LYS A 143 17.62 -7.21 37.81
C LYS A 143 18.26 -8.41 38.47
N SER A 144 17.50 -9.46 38.75
CA SER A 144 18.11 -10.60 39.43
C SER A 144 18.05 -11.97 38.76
N THR A 145 18.66 -12.91 39.45
CA THR A 145 18.70 -14.27 39.00
C THR A 145 17.45 -15.00 39.44
N ASP A 146 16.68 -14.35 40.32
CA ASP A 146 15.42 -14.93 40.83
C ASP A 146 14.60 -15.18 39.56
N GLU A 147 13.67 -16.14 39.59
CA GLU A 147 12.89 -16.41 38.37
C GLU A 147 12.16 -15.12 37.99
N PRO A 148 12.09 -14.79 36.69
CA PRO A 148 11.39 -13.57 36.36
C PRO A 148 9.94 -13.67 36.76
N SER A 149 9.35 -12.53 37.08
CA SER A 149 7.97 -12.46 37.50
C SER A 149 7.46 -11.02 37.48
N GLU A 150 6.14 -10.92 37.63
CA GLU A 150 5.44 -9.65 37.65
C GLU A 150 6.16 -8.58 38.48
N LYS A 151 6.90 -9.03 39.48
CA LYS A 151 7.63 -8.11 40.35
C LYS A 151 8.71 -7.43 39.51
N ASP A 152 9.28 -8.16 38.56
CA ASP A 152 10.32 -7.61 37.71
C ASP A 152 9.93 -6.27 37.10
N ALA A 153 8.66 -6.13 36.72
CA ALA A 153 8.15 -4.90 36.12
C ALA A 153 8.11 -3.81 37.18
N LEU A 154 7.64 -4.16 38.36
CA LEU A 154 7.57 -3.22 39.46
C LEU A 154 8.90 -2.49 39.58
N GLN A 155 8.98 -1.34 38.92
CA GLN A 155 10.19 -0.53 38.97
C GLN A 155 9.95 0.93 38.62
N PRO A 156 10.79 1.82 39.17
CA PRO A 156 10.76 3.27 38.98
C PRO A 156 11.12 3.73 37.56
N GLY A 157 10.33 4.64 37.01
CA GLY A 157 10.57 5.13 35.67
C GLY A 157 12.01 5.29 35.21
N ARG A 158 12.82 5.92 36.03
CA ARG A 158 14.21 6.17 35.67
C ARG A 158 15.04 4.95 35.23
N ASN A 159 14.86 3.79 35.88
CA ASN A 159 15.63 2.60 35.50
C ASN A 159 15.47 2.31 34.01
N LEU A 160 14.33 2.72 33.47
CA LEU A 160 14.02 2.56 32.05
C LEU A 160 15.30 2.48 31.25
N VAL A 161 15.48 1.42 30.49
CA VAL A 161 16.69 1.30 29.68
C VAL A 161 16.42 1.80 28.28
N ALA A 162 15.17 2.15 28.02
CA ALA A 162 14.74 2.69 26.73
C ALA A 162 13.23 2.63 26.63
N ALA A 163 12.68 3.36 25.66
CA ALA A 163 11.24 3.39 25.47
C ALA A 163 10.85 4.37 24.37
N GLY A 164 9.57 4.72 24.34
CA GLY A 164 9.09 5.63 23.32
C GLY A 164 7.74 5.09 22.89
N TYR A 165 7.17 5.65 21.82
CA TYR A 165 5.86 5.21 21.38
C TYR A 165 5.63 5.44 19.89
N ALA A 166 4.53 4.88 19.39
CA ALA A 166 4.15 5.01 17.99
C ALA A 166 2.77 5.65 17.93
N LEU A 167 2.67 6.78 17.26
CA LEU A 167 1.41 7.49 17.14
C LEU A 167 0.91 7.42 15.72
N TYR A 168 -0.19 6.69 15.53
CA TYR A 168 -0.79 6.53 14.21
C TYR A 168 -1.93 7.54 14.09
N GLY A 169 -1.70 8.68 13.46
CA GLY A 169 -2.77 9.67 13.35
C GLY A 169 -2.92 10.14 11.93
N SER A 170 -2.65 11.42 11.68
CA SER A 170 -2.75 11.92 10.32
C SER A 170 -1.82 10.99 9.58
N ALA A 171 -0.57 10.93 10.04
CA ALA A 171 0.43 10.06 9.45
C ALA A 171 0.73 9.03 10.49
N THR A 172 1.71 8.18 10.22
CA THR A 172 2.06 7.12 11.16
C THR A 172 3.46 7.27 11.79
N MET A 173 3.66 8.31 12.58
CA MET A 173 4.95 8.54 13.21
C MET A 173 5.17 7.66 14.44
N LEU A 174 6.40 7.19 14.61
CA LEU A 174 6.80 6.34 15.73
C LEU A 174 8.05 6.93 16.35
N VAL A 175 7.91 7.69 17.41
CA VAL A 175 9.08 8.26 17.99
C VAL A 175 9.71 7.24 18.91
N LEU A 176 11.03 7.19 18.91
CA LEU A 176 11.82 6.28 19.72
C LEU A 176 12.52 7.05 20.82
N ALA A 177 12.66 6.47 22.00
CA ALA A 177 13.30 7.19 23.10
C ALA A 177 14.36 6.41 23.87
N MET A 178 15.61 6.48 23.43
CA MET A 178 16.70 5.77 24.09
C MET A 178 17.58 6.64 24.97
N ASP A 179 18.62 6.05 25.55
CA ASP A 179 19.50 6.83 26.40
C ASP A 179 20.16 7.96 25.59
N CYS A 180 20.49 7.65 24.35
CA CYS A 180 21.10 8.61 23.45
C CYS A 180 20.09 9.67 23.02
N GLY A 181 18.97 9.71 23.71
CA GLY A 181 17.93 10.69 23.41
C GLY A 181 16.63 10.18 22.77
N VAL A 182 16.15 10.93 21.78
CA VAL A 182 14.93 10.58 21.08
C VAL A 182 14.99 10.99 19.62
N ASN A 183 14.76 10.02 18.74
CA ASN A 183 14.80 10.28 17.30
C ASN A 183 13.46 9.94 16.65
N CYS A 184 12.96 10.87 15.83
CA CYS A 184 11.69 10.71 15.13
C CYS A 184 11.80 9.94 13.84
N PHE A 185 11.15 8.79 13.81
CA PHE A 185 11.20 7.99 12.61
C PHE A 185 9.84 7.92 11.97
N MET A 186 9.63 8.74 10.95
CA MET A 186 8.37 8.75 10.22
C MET A 186 8.16 7.38 9.58
N LEU A 187 7.04 7.18 8.90
CA LEU A 187 6.82 5.89 8.31
C LEU A 187 6.31 5.87 6.90
N ASP A 188 7.24 5.78 5.97
CA ASP A 188 6.90 5.68 4.57
C ASP A 188 6.21 4.34 4.57
N PRO A 189 4.89 4.32 4.31
CA PRO A 189 4.19 3.05 4.29
C PRO A 189 4.15 2.43 2.91
N ALA A 190 4.77 3.08 1.93
CA ALA A 190 4.76 2.60 0.55
C ALA A 190 5.74 1.46 0.24
N ILE A 191 6.74 1.31 1.10
CA ILE A 191 7.78 0.28 0.97
C ILE A 191 7.70 -0.66 2.16
N GLY A 192 7.50 -0.05 3.33
CA GLY A 192 7.40 -0.80 4.56
C GLY A 192 8.63 -0.57 5.38
N GLU A 193 8.89 0.69 5.71
CA GLU A 193 10.06 0.98 6.50
C GLU A 193 10.08 2.39 7.03
N PHE A 194 10.54 2.53 8.26
CA PHE A 194 10.63 3.82 8.91
C PHE A 194 11.86 4.55 8.39
N ILE A 195 11.81 5.87 8.39
CA ILE A 195 12.91 6.73 7.95
C ILE A 195 13.16 7.75 9.05
N LEU A 196 14.43 8.05 9.36
CA LEU A 196 14.67 9.03 10.41
C LEU A 196 14.38 10.41 9.86
N VAL A 197 13.54 11.17 10.57
CA VAL A 197 13.10 12.52 10.17
C VAL A 197 13.44 13.69 11.07
N ASP A 198 13.49 13.44 12.38
CA ASP A 198 13.80 14.51 13.31
C ASP A 198 14.94 14.11 14.27
N LYS A 199 16.18 14.17 13.77
CA LYS A 199 17.36 13.79 14.53
C LYS A 199 17.41 14.39 15.93
N ASP A 200 17.68 13.52 16.91
CA ASP A 200 17.80 13.84 18.33
C ASP A 200 17.09 15.12 18.71
N VAL A 201 15.91 14.95 19.30
CA VAL A 201 15.10 16.09 19.68
C VAL A 201 15.41 16.71 21.03
N LYS A 202 14.53 17.67 21.37
CA LYS A 202 14.56 18.42 22.61
C LYS A 202 13.38 19.41 22.50
N ILE A 203 12.45 19.34 23.46
CA ILE A 203 11.24 20.19 23.50
C ILE A 203 11.46 21.71 23.73
N LYS A 204 10.66 22.56 23.10
CA LYS A 204 10.83 24.01 23.27
C LYS A 204 10.89 24.39 24.74
N LYS A 205 11.14 25.67 25.03
CA LYS A 205 11.23 26.15 26.43
C LYS A 205 9.86 26.41 27.05
N LYS A 206 9.10 27.35 26.48
CA LYS A 206 7.76 27.64 27.00
C LYS A 206 6.70 27.44 25.92
N GLY A 207 5.66 26.70 26.27
CA GLY A 207 4.59 26.48 25.33
C GLY A 207 3.80 27.77 25.26
N LYS A 208 2.60 27.66 24.70
CA LYS A 208 1.67 28.78 24.55
C LYS A 208 0.39 28.05 24.24
N ILE A 209 0.35 26.81 24.73
CA ILE A 209 -0.78 25.90 24.59
C ILE A 209 -0.76 25.06 25.85
N TYR A 210 -1.94 24.76 26.40
CA TYR A 210 -2.02 23.92 27.59
C TYR A 210 -3.17 22.96 27.34
N SER A 211 -2.95 21.68 27.57
CA SER A 211 -3.98 20.68 27.32
C SER A 211 -4.34 19.80 28.49
N LEU A 212 -5.60 19.89 28.88
CA LEU A 212 -6.14 19.11 29.98
C LEU A 212 -7.61 19.14 29.76
N ASN A 213 -8.24 17.98 29.82
CA ASN A 213 -9.68 17.94 29.65
C ASN A 213 -10.28 18.86 30.70
N GLU A 214 -10.90 19.96 30.28
CA GLU A 214 -11.49 20.90 31.22
C GLU A 214 -12.95 20.60 31.53
N GLY A 215 -13.36 19.35 31.39
CA GLY A 215 -14.75 18.99 31.62
C GLY A 215 -15.11 18.66 33.06
N TYR A 216 -14.11 18.24 33.82
CA TYR A 216 -14.32 17.90 35.22
C TYR A 216 -13.72 18.97 36.14
N ALA A 217 -13.79 20.23 35.72
CA ALA A 217 -13.23 21.32 36.51
C ALA A 217 -13.79 21.35 37.91
N LYS A 218 -15.04 20.94 38.05
CA LYS A 218 -15.67 20.91 39.36
C LYS A 218 -14.75 20.11 40.28
N ASP A 219 -14.41 18.89 39.86
CA ASP A 219 -13.55 18.00 40.65
C ASP A 219 -12.09 18.46 40.81
N PHE A 220 -11.65 19.44 40.02
CA PHE A 220 -10.26 19.93 40.12
C PHE A 220 -9.97 20.69 41.40
N ASP A 221 -8.91 20.31 42.10
CA ASP A 221 -8.58 21.02 43.32
C ASP A 221 -8.41 22.49 42.93
N PRO A 222 -8.23 23.38 43.92
CA PRO A 222 -8.06 24.81 43.62
C PRO A 222 -6.81 24.98 42.79
N ALA A 223 -5.76 24.25 43.19
CA ALA A 223 -4.48 24.29 42.51
C ALA A 223 -4.68 24.41 41.01
N VAL A 224 -4.89 23.26 40.37
CA VAL A 224 -5.11 23.21 38.93
C VAL A 224 -5.90 24.46 38.50
N THR A 225 -7.04 24.67 39.14
CA THR A 225 -7.90 25.79 38.85
C THR A 225 -7.16 27.02 38.36
N GLU A 226 -6.21 27.51 39.13
CA GLU A 226 -5.52 28.72 38.70
C GLU A 226 -4.45 28.56 37.61
N TYR A 227 -3.86 27.38 37.43
CA TYR A 227 -2.86 27.29 36.37
C TYR A 227 -3.59 27.40 35.08
N ILE A 228 -4.91 27.29 35.17
CA ILE A 228 -5.74 27.37 34.00
C ILE A 228 -6.29 28.78 33.95
N GLN A 229 -6.37 29.41 35.12
CA GLN A 229 -6.90 30.77 35.24
C GLN A 229 -5.82 31.85 35.17
N ARG A 230 -4.57 31.40 35.03
CA ARG A 230 -3.37 32.26 34.92
C ARG A 230 -2.79 32.03 33.52
N LYS A 231 -3.62 31.48 32.65
CA LYS A 231 -3.29 31.21 31.27
C LYS A 231 -4.39 31.92 30.50
N LYS A 232 -5.63 31.65 30.93
CA LYS A 232 -6.79 32.26 30.31
C LYS A 232 -6.82 33.76 30.61
N PHE A 233 -6.46 34.12 31.84
CA PHE A 233 -6.41 35.52 32.24
C PHE A 233 -5.03 35.77 32.79
N PRO A 234 -3.99 35.42 32.01
CA PRO A 234 -2.61 35.61 32.47
C PRO A 234 -2.41 36.99 33.10
N PRO A 235 -1.46 37.09 34.04
CA PRO A 235 -1.11 38.31 34.77
C PRO A 235 -0.39 39.34 33.92
N ASP A 236 0.80 38.98 33.48
CA ASP A 236 1.64 39.84 32.66
C ASP A 236 0.91 40.25 31.39
N ASN A 237 -0.40 40.39 31.47
CA ASN A 237 -1.23 40.76 30.34
C ASN A 237 -0.64 40.29 29.00
N SER A 238 -0.15 39.04 29.04
CA SER A 238 0.45 38.38 27.88
C SER A 238 -0.59 37.99 26.84
N ALA A 239 -0.75 36.69 26.62
CA ALA A 239 -1.75 36.18 25.67
C ALA A 239 -2.08 34.69 25.88
N PRO A 240 -3.37 34.41 26.17
CA PRO A 240 -4.03 33.12 26.43
C PRO A 240 -3.63 31.90 25.62
N TYR A 241 -3.13 30.88 26.31
CA TYR A 241 -2.74 29.61 25.70
C TYR A 241 -3.99 29.00 25.09
N GLY A 242 -3.85 27.83 24.49
CA GLY A 242 -4.98 27.17 23.87
C GLY A 242 -5.58 26.07 24.73
N ALA A 243 -6.85 25.80 24.51
CA ALA A 243 -7.56 24.78 25.28
C ALA A 243 -7.55 23.43 24.57
N ARG A 244 -6.69 23.31 23.55
CA ARG A 244 -6.58 22.08 22.79
C ARG A 244 -6.44 20.87 23.71
N TYR A 245 -6.90 19.73 23.23
CA TYR A 245 -6.87 18.50 23.99
C TYR A 245 -7.73 17.59 23.13
N VAL A 246 -7.12 16.59 22.52
CA VAL A 246 -7.87 15.70 21.63
C VAL A 246 -8.68 14.64 22.34
N GLY A 247 -8.01 13.71 22.99
CA GLY A 247 -8.72 12.66 23.70
C GLY A 247 -7.75 11.58 24.13
N SER A 248 -6.93 11.13 23.19
CA SER A 248 -5.97 10.10 23.49
C SER A 248 -4.66 10.75 23.93
N MET A 249 -4.00 10.15 24.91
CA MET A 249 -2.73 10.65 25.42
C MET A 249 -1.65 10.60 24.34
N VAL A 250 -1.45 9.42 23.80
CA VAL A 250 -0.45 9.27 22.77
C VAL A 250 -0.58 10.45 21.82
N ALA A 251 -1.80 10.74 21.38
CA ALA A 251 -2.07 11.84 20.44
C ALA A 251 -1.69 13.25 20.92
N ASP A 252 -2.05 13.61 22.15
CA ASP A 252 -1.71 14.93 22.67
C ASP A 252 -0.20 15.03 23.02
N VAL A 253 0.24 14.26 24.02
CA VAL A 253 1.63 14.25 24.47
C VAL A 253 2.57 14.67 23.34
N HIS A 254 2.63 13.82 22.32
CA HIS A 254 3.47 14.09 21.18
C HIS A 254 3.37 15.54 20.73
N ARG A 255 2.23 15.93 20.18
CA ARG A 255 2.07 17.30 19.72
C ARG A 255 2.66 18.29 20.70
N THR A 256 2.53 17.99 21.97
CA THR A 256 3.04 18.86 23.00
C THR A 256 4.58 18.94 22.91
N LEU A 257 5.21 17.83 22.54
CA LEU A 257 6.67 17.78 22.41
C LEU A 257 7.11 18.36 21.05
N VAL A 258 6.16 18.87 20.28
CA VAL A 258 6.44 19.46 18.97
C VAL A 258 6.30 20.99 19.02
N TYR A 259 5.08 21.45 19.29
CA TYR A 259 4.83 22.87 19.39
C TYR A 259 5.22 23.30 20.80
N GLY A 260 5.38 22.34 21.69
CA GLY A 260 5.69 22.66 23.06
C GLY A 260 4.33 22.89 23.68
N GLY A 261 4.23 22.89 25.00
CA GLY A 261 2.94 23.09 25.65
C GLY A 261 2.90 22.41 27.02
N ILE A 262 1.76 21.85 27.40
CA ILE A 262 1.65 21.18 28.71
C ILE A 262 0.46 20.26 28.85
N PHE A 263 0.71 19.02 29.21
CA PHE A 263 -0.37 18.07 29.40
C PHE A 263 -0.67 17.93 30.88
N LEU A 264 -1.93 18.14 31.25
CA LEU A 264 -2.30 18.02 32.66
C LEU A 264 -3.36 16.94 32.84
N TYR A 265 -3.09 16.00 33.71
CA TYR A 265 -4.07 14.98 33.99
C TYR A 265 -3.83 14.60 35.43
N PRO A 266 -4.48 15.34 36.34
CA PRO A 266 -4.45 15.24 37.79
C PRO A 266 -5.58 14.54 38.54
N ALA A 267 -5.56 14.76 39.87
CA ALA A 267 -6.51 14.19 40.84
C ALA A 267 -7.85 14.88 41.01
N ASN A 268 -8.75 14.20 41.71
CA ASN A 268 -10.10 14.71 41.90
C ASN A 268 -11.02 13.84 42.77
N LYS A 269 -12.22 13.62 42.24
CA LYS A 269 -13.27 12.82 42.86
C LYS A 269 -12.83 11.38 42.83
N LYS A 270 -12.80 10.81 41.61
CA LYS A 270 -12.38 9.43 41.41
C LYS A 270 -11.34 9.00 42.42
N SER A 271 -10.13 9.53 42.26
CA SER A 271 -9.04 9.20 43.17
C SER A 271 -7.92 10.24 43.09
N PRO A 272 -7.03 10.22 44.09
CA PRO A 272 -5.92 11.17 44.11
C PRO A 272 -4.96 10.77 43.00
N ASN A 273 -4.90 9.47 42.72
CA ASN A 273 -4.01 8.97 41.68
C ASN A 273 -4.54 9.17 40.27
N GLY A 274 -5.54 10.05 40.15
CA GLY A 274 -6.13 10.33 38.84
C GLY A 274 -6.53 9.05 38.13
N LYS A 275 -6.78 9.16 36.83
CA LYS A 275 -7.16 7.98 36.07
C LYS A 275 -5.99 7.23 35.46
N LEU A 276 -5.20 7.93 34.64
CA LEU A 276 -4.04 7.34 33.91
C LEU A 276 -3.11 6.36 34.64
N ARG A 277 -2.71 5.33 33.90
CA ARG A 277 -1.84 4.26 34.38
C ARG A 277 -0.38 4.69 34.44
N LEU A 278 0.37 4.20 35.44
CA LEU A 278 1.79 4.56 35.58
C LEU A 278 2.64 3.62 34.75
N LEU A 279 2.56 2.35 35.08
CA LEU A 279 3.33 1.35 34.37
C LEU A 279 3.62 1.60 32.90
N TYR A 280 2.57 1.85 32.11
CA TYR A 280 2.76 2.00 30.67
C TYR A 280 2.34 3.27 29.93
N GLU A 281 1.37 4.01 30.43
CA GLU A 281 0.95 5.22 29.74
C GLU A 281 1.75 6.45 30.20
N CYS A 282 2.14 6.46 31.47
CA CYS A 282 2.92 7.57 32.00
C CYS A 282 4.42 7.34 31.74
N ASN A 283 5.12 6.78 32.72
CA ASN A 283 6.56 6.49 32.67
C ASN A 283 7.15 6.66 31.28
N PRO A 284 6.74 5.80 30.34
CA PRO A 284 7.27 5.92 29.00
C PRO A 284 7.47 7.39 28.63
N MET A 285 6.37 8.10 28.38
CA MET A 285 6.38 9.52 27.98
C MET A 285 7.25 10.36 28.89
N ALA A 286 6.99 10.26 30.19
CA ALA A 286 7.75 11.00 31.16
C ALA A 286 9.21 10.88 30.77
N TYR A 287 9.55 9.69 30.28
CA TYR A 287 10.92 9.35 29.86
C TYR A 287 11.36 10.01 28.55
N VAL A 288 10.41 10.50 27.77
CA VAL A 288 10.69 11.18 26.50
C VAL A 288 10.76 12.69 26.67
N MET A 289 9.95 13.21 27.59
CA MET A 289 10.00 14.64 27.82
C MET A 289 11.37 14.88 28.42
N GLU A 290 11.75 14.03 29.37
CA GLU A 290 13.03 14.16 30.08
C GLU A 290 14.31 14.02 29.24
N LYS A 291 14.21 13.39 28.08
CA LYS A 291 15.37 13.20 27.21
C LYS A 291 15.46 14.33 26.22
N ALA A 292 14.30 14.91 25.94
CA ALA A 292 14.22 16.04 25.02
C ALA A 292 14.41 17.31 25.84
N GLY A 293 14.64 17.13 27.14
CA GLY A 293 14.86 18.26 28.02
C GLY A 293 13.61 18.83 28.67
N GLY A 294 12.62 17.98 28.93
CA GLY A 294 11.39 18.42 29.54
C GLY A 294 11.23 17.83 30.93
N MET A 295 10.36 18.38 31.76
CA MET A 295 10.18 17.83 33.10
C MET A 295 9.13 16.75 33.08
N ALA A 296 8.54 16.50 34.24
CA ALA A 296 7.50 15.51 34.35
C ALA A 296 7.13 15.26 35.80
N THR A 297 6.87 16.34 36.55
CA THR A 297 6.52 16.18 37.96
C THR A 297 5.16 15.56 38.14
N THR A 298 5.06 14.70 39.15
CA THR A 298 3.82 14.03 39.47
C THR A 298 2.94 14.94 40.32
N GLY A 299 3.59 15.80 41.07
CA GLY A 299 2.90 16.73 41.94
C GLY A 299 3.72 16.94 43.20
N LYS A 300 4.22 15.84 43.75
CA LYS A 300 5.02 15.90 44.94
C LYS A 300 6.45 15.45 44.62
N GLU A 301 6.66 15.05 43.37
CA GLU A 301 7.98 14.60 42.90
C GLU A 301 8.07 14.41 41.37
N ALA A 302 8.78 13.36 40.93
CA ALA A 302 8.97 13.04 39.52
C ALA A 302 8.34 11.67 39.11
N VAL A 303 7.61 11.67 38.00
CA VAL A 303 6.95 10.46 37.48
C VAL A 303 7.94 9.34 37.26
N LEU A 304 9.19 9.69 37.03
CA LEU A 304 10.23 8.70 36.76
C LEU A 304 10.95 8.18 38.01
N ASP A 305 10.60 8.71 39.18
CA ASP A 305 11.23 8.28 40.43
C ASP A 305 10.35 7.37 41.29
N VAL A 306 9.03 7.58 41.23
CA VAL A 306 8.05 6.80 41.99
C VAL A 306 8.20 5.28 41.88
N ILE A 307 7.89 4.59 42.97
CA ILE A 307 8.02 3.15 43.05
C ILE A 307 6.69 2.39 43.10
N PRO A 308 6.47 1.52 42.10
CA PRO A 308 5.36 0.61 41.77
C PRO A 308 4.92 -0.47 42.77
N THR A 309 3.59 -0.57 42.92
CA THR A 309 2.94 -1.54 43.80
C THR A 309 2.25 -2.63 42.93
N ASP A 310 1.24 -2.25 42.14
CA ASP A 310 0.54 -3.20 41.25
C ASP A 310 0.85 -2.78 39.81
N ILE A 311 1.09 -3.78 38.97
CA ILE A 311 1.43 -3.58 37.55
C ILE A 311 0.39 -2.84 36.75
N HIS A 312 -0.62 -2.34 37.45
CA HIS A 312 -1.70 -1.57 36.84
C HIS A 312 -1.88 -0.32 37.69
N GLN A 313 -0.89 -0.08 38.55
CA GLN A 313 -0.94 1.07 39.41
C GLN A 313 -1.31 2.31 38.64
N ARG A 314 -2.09 3.18 39.28
CA ARG A 314 -2.54 4.41 38.66
C ARG A 314 -1.67 5.63 39.04
N ALA A 315 -1.69 6.67 38.22
CA ALA A 315 -0.87 7.83 38.53
C ALA A 315 -1.28 9.11 37.82
N PRO A 316 -1.03 10.26 38.47
CA PRO A 316 -1.32 11.62 38.01
C PRO A 316 -0.09 12.13 37.28
N VAL A 317 -0.29 12.88 36.20
CA VAL A 317 0.87 13.38 35.50
C VAL A 317 0.70 14.68 34.78
N ILE A 318 1.73 15.50 34.93
CA ILE A 318 1.82 16.79 34.31
C ILE A 318 3.12 16.70 33.55
N LEU A 319 3.09 17.04 32.27
CA LEU A 319 4.30 17.00 31.47
C LEU A 319 4.26 18.14 30.46
N GLY A 320 5.43 18.52 29.99
CA GLY A 320 5.53 19.60 29.03
C GLY A 320 6.81 20.34 29.22
N SER A 321 6.93 21.50 28.60
CA SER A 321 8.14 22.29 28.71
C SER A 321 8.49 22.70 30.12
N PRO A 322 9.78 22.99 30.36
CA PRO A 322 10.34 23.40 31.64
C PRO A 322 9.51 24.44 32.43
N ASP A 323 9.05 25.49 31.75
CA ASP A 323 8.27 26.53 32.42
C ASP A 323 6.82 26.18 32.61
N ASP A 324 6.25 25.44 31.66
CA ASP A 324 4.85 25.07 31.75
C ASP A 324 4.61 24.03 32.81
N VAL A 325 5.61 23.81 33.65
CA VAL A 325 5.50 22.84 34.74
C VAL A 325 6.18 23.42 35.99
N LEU A 326 7.09 24.39 35.79
CA LEU A 326 7.77 25.06 36.91
C LEU A 326 6.85 26.21 37.28
N GLU A 327 6.12 26.68 36.27
CA GLU A 327 5.16 27.74 36.48
C GLU A 327 4.04 26.97 37.17
N PHE A 328 3.81 25.75 36.69
CA PHE A 328 2.79 24.89 37.26
C PHE A 328 3.12 24.57 38.70
N LEU A 329 4.10 23.68 38.90
CA LEU A 329 4.52 23.28 40.23
C LEU A 329 4.49 24.44 41.21
N LYS A 330 4.85 25.62 40.72
CA LYS A 330 4.84 26.82 41.55
C LYS A 330 3.47 27.00 42.19
N VAL A 331 2.44 26.98 41.35
CA VAL A 331 1.07 27.14 41.83
C VAL A 331 0.72 26.05 42.80
N TYR A 332 0.72 24.82 42.30
CA TYR A 332 0.36 23.64 43.09
C TYR A 332 0.72 23.68 44.57
N GLU A 333 1.86 24.26 44.88
CA GLU A 333 2.31 24.34 46.27
C GLU A 333 1.60 25.43 47.03
N LYS A 334 1.40 26.55 46.37
CA LYS A 334 0.75 27.72 46.95
C LYS A 334 -0.48 27.29 47.76
N HIS A 335 -1.21 26.30 47.25
CA HIS A 335 -2.40 25.80 47.94
C HIS A 335 -1.98 24.52 48.63
N SER A 336 -0.78 24.58 49.20
CA SER A 336 -0.14 23.50 49.93
C SER A 336 1.14 24.08 50.57
N ALA A 337 1.97 23.30 51.08
N ASP B 10 -24.88 -6.84 2.02
CA ASP B 10 -24.50 -6.99 0.57
C ASP B 10 -23.55 -5.85 0.18
N VAL B 11 -22.26 -6.10 0.34
CA VAL B 11 -21.19 -5.13 0.04
C VAL B 11 -21.51 -4.06 -1.03
N ASN B 12 -20.90 -2.88 -0.83
CA ASN B 12 -21.04 -1.75 -1.76
C ASN B 12 -19.91 -0.73 -1.60
N THR B 13 -19.51 -0.13 -2.73
CA THR B 13 -18.47 0.87 -2.70
C THR B 13 -19.10 2.18 -3.10
N LEU B 14 -18.48 3.26 -2.67
CA LEU B 14 -18.96 4.59 -2.98
C LEU B 14 -19.38 4.63 -4.44
N THR B 15 -18.40 4.55 -5.33
CA THR B 15 -18.66 4.57 -6.77
C THR B 15 -20.04 3.99 -7.04
N ARG B 16 -20.23 2.74 -6.66
CA ARG B 16 -21.49 2.03 -6.85
C ARG B 16 -22.66 2.80 -6.26
N PHE B 17 -22.44 3.38 -5.10
CA PHE B 17 -23.51 4.12 -4.45
C PHE B 17 -23.93 5.23 -5.38
N VAL B 18 -23.08 6.25 -5.48
CA VAL B 18 -23.35 7.38 -6.34
C VAL B 18 -23.52 6.90 -7.78
N MET B 19 -23.59 5.58 -7.95
CA MET B 19 -23.81 5.00 -9.26
C MET B 19 -25.27 4.71 -9.34
N GLU B 20 -25.71 3.91 -8.37
CA GLU B 20 -27.10 3.50 -8.24
C GLU B 20 -28.03 4.72 -8.25
N GLU B 21 -27.89 5.61 -7.28
CA GLU B 21 -28.75 6.79 -7.23
C GLU B 21 -28.83 7.45 -8.60
N GLY B 22 -27.73 7.38 -9.35
CA GLY B 22 -27.71 7.96 -10.69
C GLY B 22 -28.94 7.51 -11.45
N ARG B 23 -29.05 6.19 -11.63
CA ARG B 23 -30.18 5.58 -12.33
C ARG B 23 -31.54 6.09 -11.87
N LYS B 24 -31.93 5.79 -10.63
CA LYS B 24 -33.22 6.24 -10.11
C LYS B 24 -33.58 7.59 -10.76
N ALA B 25 -32.61 8.50 -10.76
CA ALA B 25 -32.75 9.86 -11.27
C ALA B 25 -32.73 10.03 -12.79
N ARG B 26 -32.12 9.07 -13.47
CA ARG B 26 -32.00 9.16 -14.93
C ARG B 26 -31.64 10.60 -15.29
N GLY B 27 -30.36 10.95 -15.19
CA GLY B 27 -29.96 12.31 -15.45
C GLY B 27 -29.09 12.61 -16.65
N THR B 28 -27.95 13.26 -16.39
CA THR B 28 -26.98 13.67 -17.40
C THR B 28 -25.56 13.14 -17.17
N GLY B 29 -25.26 12.75 -15.93
CA GLY B 29 -23.94 12.24 -15.63
C GLY B 29 -23.01 13.33 -15.10
N GLU B 30 -23.54 14.47 -14.69
CA GLU B 30 -22.64 15.50 -14.16
C GLU B 30 -22.51 15.49 -12.65
N LEU B 31 -23.32 14.71 -11.94
CA LEU B 31 -23.17 14.64 -10.50
C LEU B 31 -22.28 13.44 -10.23
N THR B 32 -22.68 12.26 -10.73
CA THR B 32 -21.92 11.03 -10.57
C THR B 32 -20.49 11.12 -11.07
N GLN B 33 -20.19 12.20 -11.80
CA GLN B 33 -18.83 12.36 -12.26
C GLN B 33 -18.13 13.46 -11.50
N LEU B 34 -18.86 14.11 -10.61
CA LEU B 34 -18.25 15.12 -9.78
C LEU B 34 -17.82 14.17 -8.69
N LEU B 35 -18.82 13.67 -7.98
CA LEU B 35 -18.57 12.76 -6.90
C LEU B 35 -17.43 11.84 -7.26
N ASN B 36 -17.57 11.02 -8.30
CA ASN B 36 -16.47 10.14 -8.65
C ASN B 36 -15.15 10.88 -8.82
N SER B 37 -15.04 11.68 -9.88
CA SER B 37 -13.81 12.40 -10.14
C SER B 37 -13.25 13.05 -8.87
N LEU B 38 -14.10 13.31 -7.87
CA LEU B 38 -13.63 13.91 -6.62
C LEU B 38 -13.16 12.84 -5.63
N CYS B 39 -13.81 11.69 -5.64
CA CYS B 39 -13.42 10.63 -4.73
C CYS B 39 -11.99 10.28 -5.04
N THR B 40 -11.56 10.46 -6.27
CA THR B 40 -10.19 10.13 -6.60
C THR B 40 -9.20 11.12 -6.02
N ALA B 41 -9.35 12.39 -6.37
CA ALA B 41 -8.42 13.36 -5.85
C ALA B 41 -8.16 13.10 -4.38
N VAL B 42 -9.16 12.58 -3.65
CA VAL B 42 -9.04 12.30 -2.21
C VAL B 42 -8.08 11.18 -1.81
N LYS B 43 -8.31 9.97 -2.34
CA LYS B 43 -7.46 8.82 -2.05
C LYS B 43 -6.01 9.22 -2.20
N ALA B 44 -5.78 10.20 -3.06
CA ALA B 44 -4.46 10.71 -3.31
C ALA B 44 -4.03 11.50 -2.09
N ILE B 45 -4.72 12.59 -1.80
CA ILE B 45 -4.33 13.36 -0.63
C ILE B 45 -4.23 12.33 0.46
N SER B 46 -5.12 11.35 0.42
CA SER B 46 -5.15 10.28 1.40
C SER B 46 -3.85 9.49 1.51
N SER B 47 -3.03 9.53 0.46
CA SER B 47 -1.76 8.82 0.49
C SER B 47 -0.63 9.82 0.58
N ALA B 48 -0.94 11.07 0.29
CA ALA B 48 0.05 12.14 0.34
C ALA B 48 0.22 12.62 1.76
N VAL B 49 -0.69 12.19 2.63
CA VAL B 49 -0.67 12.57 4.03
C VAL B 49 0.07 11.58 4.95
N ARG B 50 -0.07 10.29 4.70
CA ARG B 50 0.61 9.30 5.52
C ARG B 50 2.05 9.33 5.11
N LYS B 51 2.41 10.40 4.41
CA LYS B 51 3.74 10.57 3.89
C LYS B 51 4.04 9.36 3.00
N ALA B 52 3.26 9.24 1.92
CA ALA B 52 3.36 8.15 0.95
C ALA B 52 4.79 7.66 0.83
N GLY B 53 5.55 8.31 -0.05
CA GLY B 53 6.92 7.90 -0.25
C GLY B 53 7.88 8.95 0.28
N ILE B 54 7.85 9.15 1.60
CA ILE B 54 8.72 10.12 2.24
C ILE B 54 10.19 9.80 1.99
N ALA B 55 10.53 8.52 2.08
CA ALA B 55 11.90 8.08 1.87
C ALA B 55 12.48 8.90 0.72
N HIS B 56 12.08 8.52 -0.50
CA HIS B 56 12.53 9.18 -1.71
C HIS B 56 13.00 10.61 -1.58
N LEU B 57 12.32 11.41 -0.76
CA LEU B 57 12.76 12.79 -0.62
C LEU B 57 13.62 12.98 0.62
N TYR B 58 14.13 11.90 1.18
CA TYR B 58 14.95 12.02 2.39
C TYR B 58 16.36 11.38 2.38
N GLY B 59 16.84 10.96 1.20
CA GLY B 59 18.16 10.37 1.13
C GLY B 59 18.28 9.00 0.47
N ILE B 60 17.26 8.17 0.63
CA ILE B 60 17.24 6.82 0.07
C ILE B 60 17.91 6.63 -1.28
N ALA B 61 17.85 7.64 -2.14
CA ALA B 61 18.48 7.55 -3.47
C ALA B 61 19.10 8.86 -3.92
N GLY B 62 19.83 9.52 -3.02
CA GLY B 62 20.50 10.77 -3.38
C GLY B 62 19.93 12.10 -2.90
N SER B 63 19.27 12.83 -3.80
CA SER B 63 18.67 14.16 -3.56
C SER B 63 17.40 14.13 -2.69
N LYS B 73 4.54 20.87 2.05
CA LYS B 73 4.11 20.82 0.66
C LYS B 73 2.63 20.39 0.50
N LEU B 74 2.08 19.69 1.50
CA LEU B 74 0.68 19.23 1.45
C LEU B 74 -0.37 20.31 1.23
N ASP B 75 -0.38 21.30 2.13
CA ASP B 75 -1.30 22.44 2.07
C ASP B 75 -1.46 22.86 0.61
N VAL B 76 -0.53 22.39 -0.21
CA VAL B 76 -0.50 22.67 -1.64
C VAL B 76 -0.71 21.43 -2.53
N LEU B 77 0.13 20.41 -2.36
CA LEU B 77 0.01 19.24 -3.19
C LEU B 77 -1.42 18.80 -3.26
N SER B 78 -2.14 19.03 -2.17
CA SER B 78 -3.55 18.65 -2.10
C SER B 78 -4.41 19.62 -2.89
N ASN B 79 -4.16 20.92 -2.75
CA ASN B 79 -4.98 21.86 -3.49
C ASN B 79 -5.17 21.34 -4.89
N ASP B 80 -4.08 21.16 -5.61
CA ASP B 80 -4.17 20.67 -6.97
C ASP B 80 -5.17 19.52 -7.06
N LEU B 81 -4.71 18.32 -6.71
CA LEU B 81 -5.53 17.11 -6.77
C LEU B 81 -7.06 17.28 -6.91
N VAL B 82 -7.68 18.18 -6.15
CA VAL B 82 -9.12 18.35 -6.33
C VAL B 82 -9.33 19.15 -7.58
N MET B 83 -8.59 20.26 -7.67
CA MET B 83 -8.63 21.15 -8.81
C MET B 83 -8.61 20.34 -10.11
N ASN B 84 -7.40 20.13 -10.65
CA ASN B 84 -7.22 19.36 -11.87
C ASN B 84 -8.21 18.23 -12.02
N MET B 85 -8.57 17.57 -10.92
CA MET B 85 -9.53 16.48 -10.98
C MET B 85 -10.93 17.00 -11.20
N LEU B 86 -11.14 18.27 -10.87
CA LEU B 86 -12.43 18.92 -11.06
C LEU B 86 -12.42 19.74 -12.35
N LYS B 87 -11.26 20.25 -12.74
CA LYS B 87 -11.13 21.05 -13.96
C LYS B 87 -11.38 20.12 -15.12
N SER B 88 -11.29 18.84 -14.84
CA SER B 88 -11.48 17.81 -15.85
C SER B 88 -12.65 16.87 -15.57
N SER B 89 -13.59 17.30 -14.75
CA SER B 89 -14.75 16.44 -14.47
C SER B 89 -15.72 16.77 -15.58
N PHE B 90 -15.80 18.06 -15.88
CA PHE B 90 -16.67 18.59 -16.92
C PHE B 90 -18.10 18.93 -16.42
N ALA B 91 -18.32 18.73 -15.12
CA ALA B 91 -19.60 19.04 -14.51
C ALA B 91 -19.38 20.29 -13.66
N THR B 92 -18.23 20.91 -13.83
CA THR B 92 -17.87 22.11 -13.09
C THR B 92 -17.90 23.31 -14.01
N CYS B 93 -18.28 24.45 -13.46
CA CYS B 93 -18.40 25.71 -14.21
C CYS B 93 -17.43 26.76 -13.66
N VAL B 94 -17.40 26.87 -12.34
CA VAL B 94 -16.54 27.80 -11.61
C VAL B 94 -16.33 27.22 -10.22
N LEU B 95 -15.08 27.04 -9.81
CA LEU B 95 -14.79 26.46 -8.50
C LEU B 95 -14.05 27.45 -7.60
N VAL B 96 -14.24 27.32 -6.29
CA VAL B 96 -13.59 28.22 -5.35
C VAL B 96 -12.74 27.47 -4.33
N SER B 97 -11.66 28.07 -3.86
CA SER B 97 -10.84 27.35 -2.91
C SER B 97 -10.25 28.19 -1.80
N GLU B 98 -9.85 27.49 -0.73
CA GLU B 98 -9.24 28.09 0.47
C GLU B 98 -7.80 28.38 0.10
N GLU B 99 -7.50 28.39 -1.20
CA GLU B 99 -6.14 28.63 -1.66
C GLU B 99 -6.09 29.69 -2.75
N ASP B 100 -6.81 29.45 -3.85
CA ASP B 100 -6.85 30.42 -4.94
C ASP B 100 -7.85 31.51 -4.48
N LYS B 101 -7.38 32.75 -4.39
CA LYS B 101 -8.22 33.86 -3.94
C LYS B 101 -9.54 34.02 -4.68
N HIS B 102 -9.55 34.84 -5.73
CA HIS B 102 -10.77 35.08 -6.52
C HIS B 102 -11.30 33.79 -7.10
N ALA B 103 -12.19 33.92 -8.06
CA ALA B 103 -12.76 32.72 -8.62
C ALA B 103 -11.98 31.99 -9.69
N ILE B 104 -11.80 30.70 -9.46
CA ILE B 104 -11.14 29.82 -10.40
C ILE B 104 -12.25 29.64 -11.43
N ILE B 105 -12.22 30.39 -12.52
CA ILE B 105 -13.26 30.28 -13.52
C ILE B 105 -12.92 29.21 -14.60
N VAL B 106 -13.54 28.04 -14.46
CA VAL B 106 -13.36 26.87 -15.35
C VAL B 106 -13.26 27.19 -16.82
N GLU B 107 -12.57 26.33 -17.56
CA GLU B 107 -12.36 26.54 -18.99
C GLU B 107 -13.55 26.17 -19.89
N PRO B 108 -13.76 26.94 -20.98
CA PRO B 108 -14.85 26.72 -21.94
C PRO B 108 -15.01 25.26 -22.32
N GLU B 109 -13.88 24.55 -22.36
CA GLU B 109 -13.87 23.15 -22.75
C GLU B 109 -14.27 22.16 -21.68
N LYS B 110 -14.22 22.59 -20.43
CA LYS B 110 -14.54 21.70 -19.32
C LYS B 110 -15.72 22.22 -18.49
N ARG B 111 -16.60 22.97 -19.15
CA ARG B 111 -17.76 23.56 -18.53
C ARG B 111 -18.66 22.49 -17.94
N GLY B 112 -19.19 22.79 -16.77
CA GLY B 112 -20.08 21.88 -16.10
C GLY B 112 -21.23 22.68 -15.54
N LYS B 113 -22.18 22.01 -14.91
CA LYS B 113 -23.32 22.71 -14.36
C LYS B 113 -23.31 22.83 -12.84
N TYR B 114 -22.15 22.60 -12.23
CA TYR B 114 -22.03 22.70 -10.78
C TYR B 114 -20.79 23.49 -10.39
N VAL B 115 -20.93 24.25 -9.31
CA VAL B 115 -19.84 25.05 -8.76
C VAL B 115 -19.41 24.32 -7.49
N VAL B 116 -18.11 24.15 -7.32
CA VAL B 116 -17.61 23.47 -6.15
C VAL B 116 -16.90 24.42 -5.24
N CYS B 117 -17.26 24.36 -3.97
CA CYS B 117 -16.62 25.20 -2.97
C CYS B 117 -15.97 24.22 -2.02
N PHE B 118 -14.64 24.16 -2.08
CA PHE B 118 -13.90 23.22 -1.28
C PHE B 118 -12.73 23.77 -0.47
N ASP B 119 -12.61 23.22 0.74
CA ASP B 119 -11.57 23.53 1.70
C ASP B 119 -10.73 22.30 1.58
N PRO B 120 -9.80 22.31 0.63
CA PRO B 120 -8.93 21.16 0.42
C PRO B 120 -8.48 20.47 1.72
N LEU B 121 -7.41 20.97 2.31
CA LEU B 121 -6.86 20.40 3.52
C LEU B 121 -7.16 21.33 4.71
N ASP B 122 -7.98 20.83 5.61
CA ASP B 122 -8.39 21.59 6.78
C ASP B 122 -7.38 21.39 7.87
N GLY B 123 -7.31 22.33 8.81
CA GLY B 123 -6.36 22.24 9.92
C GLY B 123 -4.97 21.79 9.50
N SER B 124 -4.64 22.07 8.24
CA SER B 124 -3.38 21.72 7.61
C SER B 124 -2.11 22.18 8.30
N SER B 125 -1.96 23.50 8.45
CA SER B 125 -0.78 24.10 9.10
C SER B 125 -0.39 23.45 10.45
N ASN B 126 -1.28 22.59 10.94
CA ASN B 126 -1.08 21.83 12.17
C ASN B 126 -1.04 20.35 11.78
N ILE B 127 -0.08 20.02 10.93
CA ILE B 127 0.12 18.67 10.43
C ILE B 127 1.48 18.15 10.85
N ASP B 128 2.41 19.07 11.07
CA ASP B 128 3.75 18.71 11.50
C ASP B 128 3.58 17.81 12.72
N CYS B 129 2.48 18.09 13.42
CA CYS B 129 2.09 17.39 14.65
C CYS B 129 1.30 16.12 14.43
N LEU B 130 0.89 15.87 13.18
CA LEU B 130 0.09 14.70 12.78
C LEU B 130 -1.29 14.69 13.46
N VAL B 131 -1.90 15.86 13.50
CA VAL B 131 -3.22 16.04 14.06
C VAL B 131 -4.07 15.77 12.82
N SER B 132 -4.98 14.82 12.93
CA SER B 132 -5.84 14.49 11.80
C SER B 132 -6.28 15.76 11.09
N VAL B 133 -6.74 15.59 9.85
CA VAL B 133 -7.20 16.71 9.03
C VAL B 133 -8.20 16.20 8.01
N GLY B 134 -8.99 17.10 7.45
CA GLY B 134 -9.96 16.67 6.49
C GLY B 134 -9.96 17.45 5.20
N THR B 135 -10.96 17.17 4.39
CA THR B 135 -11.12 17.86 3.12
C THR B 135 -12.59 18.22 3.08
N ILE B 136 -12.90 19.51 2.99
CA ILE B 136 -14.29 19.96 2.94
C ILE B 136 -14.70 20.32 1.51
N PHE B 137 -15.99 20.17 1.21
CA PHE B 137 -16.43 20.48 -0.14
C PHE B 137 -17.95 20.56 -0.28
N GLY B 138 -18.39 21.62 -0.94
CA GLY B 138 -19.82 21.83 -1.14
C GLY B 138 -20.14 21.89 -2.62
N ILE B 139 -21.16 21.16 -3.01
CA ILE B 139 -21.56 21.10 -4.40
C ILE B 139 -22.91 21.76 -4.63
N TYR B 140 -22.90 22.85 -5.36
CA TYR B 140 -24.13 23.59 -5.69
C TYR B 140 -24.38 23.44 -7.17
N ARG B 141 -25.19 24.36 -7.67
CA ARG B 141 -25.50 24.46 -9.10
C ARG B 141 -25.84 25.89 -9.47
N LYS B 142 -25.38 26.27 -10.65
CA LYS B 142 -25.57 27.60 -11.21
C LYS B 142 -27.07 27.81 -11.37
N LYS B 143 -27.45 29.09 -11.35
CA LYS B 143 -28.84 29.47 -11.53
C LYS B 143 -28.93 30.32 -12.80
N SER B 144 -28.31 31.51 -12.77
CA SER B 144 -28.35 32.42 -13.92
C SER B 144 -28.07 31.78 -15.28
N THR B 145 -27.82 32.62 -16.26
CA THR B 145 -27.54 32.15 -17.60
C THR B 145 -26.23 32.78 -18.04
N ASP B 146 -25.99 33.96 -17.45
CA ASP B 146 -24.83 34.81 -17.67
C ASP B 146 -23.48 34.11 -17.39
N GLU B 147 -22.45 34.47 -18.15
CA GLU B 147 -21.10 33.89 -18.02
C GLU B 147 -20.74 33.56 -16.55
N PRO B 148 -20.00 32.46 -16.32
CA PRO B 148 -19.56 32.01 -14.98
C PRO B 148 -18.46 32.82 -14.29
N SER B 149 -18.79 33.33 -13.11
CA SER B 149 -17.87 34.15 -12.30
C SER B 149 -18.10 33.91 -10.81
N GLU B 150 -17.31 34.58 -9.98
CA GLU B 150 -17.42 34.46 -8.52
C GLU B 150 -18.86 34.34 -8.01
N LYS B 151 -19.78 35.08 -8.64
CA LYS B 151 -21.19 35.10 -8.25
C LYS B 151 -21.82 33.71 -8.33
N ASP B 152 -21.64 33.03 -9.46
CA ASP B 152 -22.19 31.69 -9.69
C ASP B 152 -21.87 30.72 -8.57
N ALA B 153 -21.02 31.15 -7.65
CA ALA B 153 -20.59 30.36 -6.50
C ALA B 153 -20.81 31.17 -5.24
N LEU B 154 -21.60 32.23 -5.35
CA LEU B 154 -21.92 33.09 -4.20
C LEU B 154 -23.23 32.64 -3.55
N GLN B 155 -23.72 31.47 -3.98
CA GLN B 155 -24.95 30.89 -3.46
C GLN B 155 -24.77 30.36 -2.02
N PRO B 156 -25.87 30.34 -1.23
CA PRO B 156 -25.92 29.87 0.16
C PRO B 156 -26.18 28.35 0.30
N GLY B 157 -25.50 27.74 1.27
CA GLY B 157 -25.59 26.31 1.53
C GLY B 157 -26.96 25.69 1.69
N ARG B 158 -27.99 26.42 1.32
CA ARG B 158 -29.35 25.93 1.41
C ARG B 158 -29.68 25.34 0.04
N ASN B 159 -29.02 25.86 -1.00
CA ASN B 159 -29.20 25.41 -2.39
C ASN B 159 -28.27 24.24 -2.73
N LEU B 160 -27.26 24.04 -1.88
CA LEU B 160 -26.31 22.96 -2.06
C LEU B 160 -27.11 21.75 -2.47
N VAL B 161 -26.60 20.99 -3.42
CA VAL B 161 -27.28 19.76 -3.85
C VAL B 161 -26.39 18.58 -3.51
N ALA B 162 -25.15 18.87 -3.10
CA ALA B 162 -24.20 17.83 -2.73
C ALA B 162 -23.13 18.39 -1.82
N ALA B 163 -22.75 17.61 -0.81
CA ALA B 163 -21.72 18.07 0.13
C ALA B 163 -21.17 16.97 1.01
N GLY B 164 -20.19 17.35 1.83
CA GLY B 164 -19.55 16.42 2.73
C GLY B 164 -18.11 16.78 3.04
N TYR B 165 -17.25 15.76 3.13
CA TYR B 165 -15.82 15.95 3.44
C TYR B 165 -15.10 14.63 3.74
N ALA B 166 -13.78 14.66 3.76
CA ALA B 166 -13.01 13.46 4.02
C ALA B 166 -12.15 13.68 5.25
N LEU B 167 -12.14 12.71 6.15
CA LEU B 167 -11.37 12.83 7.38
C LEU B 167 -10.07 12.07 7.34
N TYR B 168 -8.96 12.76 7.14
CA TYR B 168 -7.68 12.09 7.09
C TYR B 168 -7.11 11.92 8.47
N GLY B 169 -7.58 10.89 9.19
CA GLY B 169 -7.11 10.67 10.54
C GLY B 169 -6.44 9.32 10.80
N SER B 170 -6.89 8.63 11.84
CA SER B 170 -6.34 7.32 12.18
C SER B 170 -6.61 6.42 11.01
N ALA B 171 -7.67 6.78 10.28
CA ALA B 171 -8.10 6.07 9.09
C ALA B 171 -8.67 7.13 8.16
N THR B 172 -9.35 6.71 7.12
CA THR B 172 -9.93 7.66 6.19
C THR B 172 -11.38 7.36 5.95
N MET B 173 -12.22 8.35 6.24
CA MET B 173 -13.65 8.23 6.04
C MET B 173 -14.12 9.52 5.37
N LEU B 174 -15.07 9.39 4.45
CA LEU B 174 -15.63 10.53 3.75
C LEU B 174 -17.12 10.53 4.02
N VAL B 175 -17.73 11.71 4.05
CA VAL B 175 -19.15 11.78 4.30
C VAL B 175 -19.82 12.40 3.10
N LEU B 176 -20.82 11.73 2.54
CA LEU B 176 -21.51 12.25 1.37
C LEU B 176 -22.94 12.67 1.67
N ALA B 177 -23.17 13.97 1.77
CA ALA B 177 -24.49 14.47 2.07
C ALA B 177 -25.23 14.97 0.81
N MET B 178 -26.54 14.70 0.76
CA MET B 178 -27.39 15.09 -0.36
C MET B 178 -28.84 14.62 -0.09
N ASP B 179 -29.79 15.22 -0.84
CA ASP B 179 -31.23 14.93 -0.73
C ASP B 179 -31.62 13.78 0.18
N CYS B 180 -31.31 12.56 -0.24
CA CYS B 180 -31.65 11.36 0.52
C CYS B 180 -31.11 11.30 1.95
N GLY B 181 -29.84 11.64 2.15
CA GLY B 181 -29.26 11.59 3.49
C GLY B 181 -27.74 11.52 3.61
N VAL B 182 -27.26 11.07 4.77
CA VAL B 182 -25.82 10.95 5.07
C VAL B 182 -25.30 9.57 5.37
N ASN B 183 -24.17 9.24 4.76
CA ASN B 183 -23.52 7.95 4.93
C ASN B 183 -22.02 8.10 4.88
N CYS B 184 -21.32 7.21 5.58
CA CYS B 184 -19.85 7.23 5.62
C CYS B 184 -19.26 6.03 4.90
N PHE B 185 -18.15 6.24 4.19
CA PHE B 185 -17.48 5.18 3.45
C PHE B 185 -16.05 5.01 3.98
N MET B 186 -15.62 3.77 4.15
CA MET B 186 -14.28 3.53 4.67
C MET B 186 -13.25 3.25 3.59
N LEU B 187 -12.11 3.92 3.70
CA LEU B 187 -11.04 3.77 2.71
C LEU B 187 -10.12 2.61 2.98
N ASP B 188 -10.48 1.47 2.39
CA ASP B 188 -9.69 0.24 2.51
C ASP B 188 -8.42 0.58 1.77
N PRO B 189 -7.36 0.98 2.50
CA PRO B 189 -6.09 1.32 1.84
C PRO B 189 -5.41 0.17 1.08
N ALA B 190 -6.07 -0.99 1.02
CA ALA B 190 -5.50 -2.14 0.33
C ALA B 190 -6.10 -2.31 -1.06
N ILE B 191 -7.12 -1.54 -1.40
CA ILE B 191 -7.75 -1.63 -2.72
C ILE B 191 -8.34 -0.29 -3.16
N GLY B 192 -7.74 0.79 -2.67
CA GLY B 192 -8.20 2.12 -3.03
C GLY B 192 -9.69 2.19 -3.30
N GLU B 193 -10.51 1.88 -2.31
CA GLU B 193 -11.94 1.93 -2.50
C GLU B 193 -12.64 2.35 -1.20
N PHE B 194 -13.77 3.04 -1.34
CA PHE B 194 -14.57 3.53 -0.22
C PHE B 194 -15.86 2.72 -0.04
N ILE B 195 -15.97 1.98 1.06
CA ILE B 195 -17.17 1.21 1.29
C ILE B 195 -18.05 1.86 2.34
N LEU B 196 -19.34 2.01 2.01
CA LEU B 196 -20.30 2.59 2.92
C LEU B 196 -20.37 1.70 4.15
N VAL B 197 -20.02 2.23 5.32
CA VAL B 197 -20.04 1.45 6.56
C VAL B 197 -21.30 1.62 7.39
N ASP B 198 -21.98 2.75 7.24
CA ASP B 198 -23.21 2.97 7.99
C ASP B 198 -24.21 3.62 7.05
N LYS B 199 -25.46 3.15 7.12
CA LYS B 199 -26.52 3.66 6.26
C LYS B 199 -27.33 4.77 6.91
N ASP B 200 -27.61 5.80 6.11
CA ASP B 200 -28.36 6.97 6.53
C ASP B 200 -28.20 7.16 8.01
N VAL B 201 -27.02 7.64 8.40
CA VAL B 201 -26.70 7.88 9.79
C VAL B 201 -27.26 9.18 10.27
N LYS B 202 -27.54 9.25 11.56
CA LYS B 202 -28.06 10.48 12.17
C LYS B 202 -27.36 10.63 13.53
N ILE B 203 -27.27 11.86 14.03
CA ILE B 203 -26.61 12.08 15.31
C ILE B 203 -27.59 11.82 16.46
N LYS B 204 -27.16 12.06 17.70
CA LYS B 204 -28.01 11.87 18.87
C LYS B 204 -28.76 13.17 19.14
N LYS B 205 -29.82 13.08 19.95
CA LYS B 205 -30.64 14.25 20.30
C LYS B 205 -29.83 15.24 21.15
N LYS B 206 -29.41 14.80 22.33
CA LYS B 206 -28.62 15.64 23.26
C LYS B 206 -27.31 14.95 23.64
N GLY B 207 -26.23 15.37 22.98
CA GLY B 207 -24.94 14.78 23.26
C GLY B 207 -24.44 15.09 24.66
N LYS B 208 -23.14 14.87 24.86
CA LYS B 208 -22.45 15.09 26.13
C LYS B 208 -21.02 15.56 25.84
N ILE B 209 -20.88 16.53 24.94
CA ILE B 209 -19.55 17.01 24.61
C ILE B 209 -19.60 18.43 24.08
N TYR B 210 -18.56 19.19 24.37
CA TYR B 210 -18.51 20.55 23.89
C TYR B 210 -17.11 20.76 23.40
N SER B 211 -16.99 21.55 22.34
CA SER B 211 -15.70 21.82 21.74
C SER B 211 -15.64 23.26 21.27
N LEU B 212 -14.48 23.88 21.48
CA LEU B 212 -14.23 25.27 21.06
C LEU B 212 -12.92 25.64 21.68
N ASN B 213 -12.16 26.51 21.03
CA ASN B 213 -10.89 26.89 21.62
C ASN B 213 -11.19 27.65 22.92
N GLU B 214 -11.07 26.97 24.06
CA GLU B 214 -11.35 27.64 25.32
C GLU B 214 -10.21 28.46 25.80
N GLY B 215 -9.46 29.05 24.88
CA GLY B 215 -8.34 29.89 25.26
C GLY B 215 -8.72 31.36 25.13
N TYR B 216 -9.61 31.64 24.21
CA TYR B 216 -10.07 33.00 24.00
C TYR B 216 -11.28 33.18 24.90
N ALA B 217 -11.25 32.52 26.05
CA ALA B 217 -12.36 32.65 26.97
C ALA B 217 -12.44 34.11 27.37
N LYS B 218 -11.31 34.83 27.30
CA LYS B 218 -11.21 36.24 27.68
C LYS B 218 -11.60 37.27 26.58
N ASP B 219 -12.28 36.82 25.54
CA ASP B 219 -12.73 37.68 24.46
C ASP B 219 -14.13 37.20 24.15
N PHE B 220 -14.44 36.06 24.74
CA PHE B 220 -15.74 35.44 24.57
C PHE B 220 -16.85 36.42 24.84
N ASP B 221 -18.00 36.16 24.24
CA ASP B 221 -19.17 37.00 24.42
C ASP B 221 -20.14 36.16 25.24
N PRO B 222 -20.76 36.76 26.28
CA PRO B 222 -21.73 36.18 27.23
C PRO B 222 -22.66 35.09 26.73
N ALA B 223 -23.39 35.36 25.65
CA ALA B 223 -24.30 34.37 25.10
C ALA B 223 -23.62 33.00 25.19
N VAL B 224 -22.29 33.03 25.27
CA VAL B 224 -21.46 31.83 25.35
C VAL B 224 -20.85 31.58 26.73
N THR B 225 -20.50 32.66 27.45
CA THR B 225 -19.89 32.52 28.78
C THR B 225 -20.87 31.90 29.79
N GLU B 226 -22.12 31.75 29.40
CA GLU B 226 -23.03 31.11 30.31
C GLU B 226 -23.07 29.65 29.92
N TYR B 227 -23.32 29.39 28.64
CA TYR B 227 -23.38 28.03 28.09
C TYR B 227 -22.19 27.16 28.49
N ILE B 228 -21.04 27.79 28.72
CA ILE B 228 -19.85 27.07 29.14
C ILE B 228 -19.95 26.71 30.61
N GLN B 229 -20.15 27.73 31.45
CA GLN B 229 -20.31 27.51 32.87
C GLN B 229 -21.55 26.63 33.01
N ARG B 230 -22.29 26.50 31.91
CA ARG B 230 -23.52 25.70 31.87
C ARG B 230 -23.30 24.24 31.45
N LYS B 231 -22.05 23.79 31.48
CA LYS B 231 -21.73 22.41 31.13
C LYS B 231 -20.85 21.83 32.24
N LYS B 232 -19.83 22.60 32.59
CA LYS B 232 -18.91 22.18 33.63
C LYS B 232 -19.63 22.16 34.97
N PHE B 233 -20.57 23.11 35.13
CA PHE B 233 -21.34 23.22 36.36
C PHE B 233 -22.83 23.31 36.07
N PRO B 234 -23.41 22.22 35.53
CA PRO B 234 -24.82 22.13 35.17
C PRO B 234 -25.68 22.48 36.36
N PRO B 235 -26.81 23.16 36.10
CA PRO B 235 -27.86 23.67 37.01
C PRO B 235 -28.65 22.62 37.79
N ASP B 236 -28.55 21.35 37.38
CA ASP B 236 -29.27 20.25 38.04
C ASP B 236 -28.36 19.09 38.50
N ASN B 237 -27.30 19.41 39.26
CA ASN B 237 -26.35 18.41 39.79
C ASN B 237 -26.21 17.12 38.98
N SER B 238 -26.23 17.26 37.66
CA SER B 238 -26.10 16.13 36.74
C SER B 238 -24.72 16.12 36.11
N ALA B 239 -24.10 14.96 36.10
CA ALA B 239 -22.76 14.79 35.55
C ALA B 239 -22.40 15.85 34.53
N PRO B 240 -21.18 16.38 34.60
CA PRO B 240 -20.71 17.41 33.68
C PRO B 240 -20.34 16.72 32.37
N TYR B 241 -20.51 17.42 31.26
CA TYR B 241 -20.16 16.82 29.99
C TYR B 241 -18.65 16.51 29.91
N GLY B 242 -18.06 16.78 28.74
CA GLY B 242 -16.65 16.52 28.55
C GLY B 242 -16.11 17.43 27.47
N ALA B 243 -14.95 18.01 27.69
CA ALA B 243 -14.33 18.90 26.73
C ALA B 243 -13.83 18.06 25.56
N ARG B 244 -12.84 18.58 24.84
CA ARG B 244 -12.17 17.97 23.66
C ARG B 244 -12.21 18.95 22.49
N TYR B 245 -11.06 19.21 21.87
CA TYR B 245 -11.03 20.14 20.73
C TYR B 245 -9.80 20.00 19.83
N VAL B 246 -9.69 18.84 19.19
CA VAL B 246 -8.58 18.51 18.31
C VAL B 246 -7.89 19.69 17.61
N GLY B 247 -8.63 20.76 17.32
CA GLY B 247 -8.02 21.92 16.68
C GLY B 247 -8.24 22.03 15.18
N SER B 248 -8.09 20.91 14.48
CA SER B 248 -8.33 20.89 13.06
C SER B 248 -9.82 20.52 13.03
N MET B 249 -10.63 21.47 12.58
CA MET B 249 -12.07 21.24 12.53
C MET B 249 -12.51 19.85 12.08
N VAL B 250 -12.55 19.61 10.77
CA VAL B 250 -13.01 18.33 10.20
C VAL B 250 -12.99 17.18 11.18
N ALA B 251 -11.89 17.05 11.89
CA ALA B 251 -11.75 16.00 12.87
C ALA B 251 -12.74 16.23 14.00
N ASP B 252 -12.68 17.41 14.60
CA ASP B 252 -13.58 17.76 15.68
C ASP B 252 -15.05 17.52 15.30
N VAL B 253 -15.53 18.23 14.29
CA VAL B 253 -16.92 18.10 13.87
C VAL B 253 -17.38 16.68 13.77
N HIS B 254 -16.53 15.84 13.21
CA HIS B 254 -16.87 14.44 13.03
C HIS B 254 -17.29 13.74 14.31
N ARG B 255 -16.41 13.70 15.29
CA ARG B 255 -16.74 13.06 16.57
C ARG B 255 -18.07 13.64 17.00
N THR B 256 -18.19 14.94 16.89
CA THR B 256 -19.41 15.58 17.26
C THR B 256 -20.55 14.84 16.56
N LEU B 257 -20.29 14.28 15.38
CA LEU B 257 -21.33 13.53 14.66
C LEU B 257 -21.53 12.14 15.22
N VAL B 258 -20.54 11.28 15.01
CA VAL B 258 -20.57 9.89 15.48
C VAL B 258 -21.21 9.73 16.85
N TYR B 259 -20.62 10.39 17.84
CA TYR B 259 -21.04 10.33 19.24
C TYR B 259 -22.03 11.42 19.65
N GLY B 260 -22.08 12.51 18.89
CA GLY B 260 -23.00 13.58 19.24
C GLY B 260 -22.48 14.57 20.28
N GLY B 261 -22.97 15.80 20.19
CA GLY B 261 -22.53 16.84 21.11
C GLY B 261 -22.67 18.22 20.49
N ILE B 262 -21.72 19.11 20.76
CA ILE B 262 -21.83 20.45 20.22
C ILE B 262 -20.51 21.16 20.00
N PHE B 263 -20.31 21.60 18.77
CA PHE B 263 -19.12 22.34 18.42
C PHE B 263 -19.50 23.80 18.37
N LEU B 264 -18.58 24.65 18.76
CA LEU B 264 -18.85 26.06 18.73
C LEU B 264 -17.60 26.78 18.32
N TYR B 265 -17.75 27.74 17.44
CA TYR B 265 -16.62 28.55 17.02
C TYR B 265 -17.20 29.93 16.76
N PRO B 266 -17.70 30.55 17.83
CA PRO B 266 -18.34 31.86 17.91
C PRO B 266 -17.48 33.10 17.71
N ALA B 267 -18.14 34.24 17.66
CA ALA B 267 -17.47 35.53 17.48
C ALA B 267 -16.62 35.84 18.72
N ASN B 268 -16.06 37.04 18.77
CA ASN B 268 -15.25 37.47 19.89
C ASN B 268 -14.76 38.91 19.75
N LYS B 269 -13.47 39.04 19.43
CA LYS B 269 -12.79 40.32 19.24
C LYS B 269 -11.76 40.21 18.10
N LYS B 270 -11.90 39.17 17.30
CA LYS B 270 -11.07 38.93 16.14
C LYS B 270 -11.83 39.70 15.04
N SER B 271 -13.16 39.64 15.17
CA SER B 271 -14.15 40.27 14.29
C SER B 271 -15.33 39.35 14.47
N PRO B 272 -16.51 39.89 14.78
CA PRO B 272 -17.63 38.95 14.95
C PRO B 272 -17.85 38.17 13.66
N ASN B 273 -16.82 38.18 12.82
CA ASN B 273 -16.81 37.45 11.59
C ASN B 273 -16.45 36.06 12.10
N GLY B 274 -15.78 36.06 13.24
CA GLY B 274 -15.35 34.81 13.87
C GLY B 274 -14.24 34.17 13.08
N LYS B 275 -14.31 32.85 12.90
CA LYS B 275 -13.29 32.19 12.14
C LYS B 275 -13.87 31.47 10.94
N LEU B 276 -13.87 30.13 11.03
CA LEU B 276 -14.38 29.20 10.01
C LEU B 276 -14.97 29.82 8.74
N ARG B 277 -14.60 29.26 7.59
CA ARG B 277 -15.06 29.76 6.31
C ARG B 277 -16.47 29.35 5.96
N LEU B 278 -17.18 30.28 5.33
CA LEU B 278 -18.57 30.06 4.95
C LEU B 278 -18.75 28.95 3.93
N LEU B 279 -18.78 29.36 2.67
CA LEU B 279 -18.99 28.44 1.59
C LEU B 279 -18.30 27.10 1.71
N TYR B 280 -17.00 27.06 1.99
CA TYR B 280 -16.31 25.76 2.04
C TYR B 280 -15.82 25.21 3.37
N GLU B 281 -16.34 25.73 4.48
CA GLU B 281 -15.95 25.23 5.78
C GLU B 281 -17.20 25.04 6.63
N CYS B 282 -18.00 26.10 6.72
CA CYS B 282 -19.21 26.08 7.51
C CYS B 282 -20.37 25.55 6.68
N ASN B 283 -20.67 26.25 5.61
CA ASN B 283 -21.76 25.86 4.72
C ASN B 283 -21.94 24.34 4.62
N PRO B 284 -20.93 23.62 4.13
CA PRO B 284 -21.03 22.16 4.00
C PRO B 284 -21.26 21.42 5.31
N MET B 285 -20.51 21.76 6.34
CA MET B 285 -20.62 21.08 7.64
C MET B 285 -22.02 21.19 8.24
N ALA B 286 -22.61 22.37 8.10
CA ALA B 286 -23.96 22.62 8.59
C ALA B 286 -24.88 21.64 7.90
N TYR B 287 -24.82 21.64 6.57
CA TYR B 287 -25.61 20.76 5.72
C TYR B 287 -25.63 19.34 6.28
N VAL B 288 -24.53 18.64 6.08
CA VAL B 288 -24.39 17.29 6.58
C VAL B 288 -25.17 17.23 7.89
N MET B 289 -24.58 17.81 8.93
CA MET B 289 -25.24 17.87 10.22
C MET B 289 -26.74 17.94 10.03
N GLU B 290 -27.21 19.02 9.41
CA GLU B 290 -28.62 19.23 9.18
C GLU B 290 -29.34 18.06 8.51
N LYS B 291 -28.61 17.20 7.79
CA LYS B 291 -29.28 16.07 7.18
C LYS B 291 -29.26 14.84 8.07
N ALA B 292 -28.39 14.86 9.08
CA ALA B 292 -28.28 13.73 10.02
C ALA B 292 -29.11 14.02 11.26
N GLY B 293 -30.07 14.94 11.12
CA GLY B 293 -30.94 15.30 12.22
C GLY B 293 -30.49 16.45 13.11
N GLY B 294 -29.51 17.25 12.69
CA GLY B 294 -29.06 18.33 13.54
C GLY B 294 -29.41 19.71 13.02
N MET B 295 -28.76 20.74 13.59
CA MET B 295 -28.95 22.14 13.19
C MET B 295 -27.58 22.78 13.31
N ALA B 296 -27.27 23.72 12.42
CA ALA B 296 -25.98 24.41 12.50
C ALA B 296 -26.31 25.89 12.40
N THR B 297 -26.28 26.57 13.54
CA THR B 297 -26.62 27.99 13.61
C THR B 297 -25.43 28.94 13.80
N THR B 298 -25.62 30.18 13.35
CA THR B 298 -24.61 31.22 13.44
C THR B 298 -24.86 31.89 14.76
N GLY B 299 -26.04 31.60 15.29
CA GLY B 299 -26.45 32.19 16.54
C GLY B 299 -27.62 33.08 16.18
N LYS B 300 -27.38 34.04 15.31
CA LYS B 300 -28.44 34.93 14.92
C LYS B 300 -29.09 34.43 13.64
N GLU B 301 -29.29 33.11 13.58
CA GLU B 301 -29.92 32.38 12.47
C GLU B 301 -29.18 31.13 12.01
N ALA B 302 -29.93 30.15 11.52
CA ALA B 302 -29.36 28.90 11.03
C ALA B 302 -28.38 29.20 9.91
N VAL B 303 -27.33 28.36 9.81
CA VAL B 303 -26.31 28.58 8.81
C VAL B 303 -26.78 28.58 7.38
N LEU B 304 -27.28 27.43 6.93
CA LEU B 304 -27.75 27.28 5.55
C LEU B 304 -28.80 28.32 5.09
N ASP B 305 -28.58 29.58 5.43
CA ASP B 305 -29.47 30.68 5.06
C ASP B 305 -28.59 31.86 4.72
N VAL B 306 -27.75 32.20 5.68
CA VAL B 306 -26.83 33.32 5.57
C VAL B 306 -26.32 33.45 4.14
N ILE B 307 -26.52 34.62 3.54
CA ILE B 307 -26.08 34.87 2.16
C ILE B 307 -24.60 35.23 2.00
N PRO B 308 -23.98 34.79 0.88
CA PRO B 308 -22.58 34.98 0.48
C PRO B 308 -22.31 36.25 -0.32
N THR B 309 -21.36 37.08 0.15
CA THR B 309 -20.99 38.31 -0.55
C THR B 309 -19.68 38.14 -1.26
N ASP B 310 -18.70 37.61 -0.54
CA ASP B 310 -17.36 37.36 -1.09
C ASP B 310 -16.88 36.01 -0.66
N ILE B 311 -16.67 35.16 -1.65
CA ILE B 311 -16.17 33.82 -1.46
C ILE B 311 -15.32 33.55 -0.19
N HIS B 312 -14.71 34.60 0.38
CA HIS B 312 -13.89 34.46 1.58
C HIS B 312 -14.48 35.02 2.90
N GLN B 313 -15.81 35.10 2.99
CA GLN B 313 -16.55 35.61 4.17
C GLN B 313 -16.53 34.59 5.29
N ARG B 314 -16.24 35.02 6.51
CA ARG B 314 -16.23 34.05 7.59
C ARG B 314 -17.60 34.07 8.24
N ALA B 315 -17.69 33.38 9.37
CA ALA B 315 -18.90 33.27 10.17
C ALA B 315 -18.59 32.35 11.35
N PRO B 316 -19.37 32.47 12.42
CA PRO B 316 -19.18 31.66 13.62
C PRO B 316 -20.25 30.58 13.69
N VAL B 317 -19.85 29.33 13.78
CA VAL B 317 -20.89 28.30 13.79
C VAL B 317 -20.93 27.30 14.94
N ILE B 318 -22.13 26.99 15.37
CA ILE B 318 -22.32 26.01 16.44
C ILE B 318 -23.29 24.97 15.89
N LEU B 319 -22.85 23.72 15.83
CA LEU B 319 -23.71 22.70 15.27
C LEU B 319 -23.72 21.38 16.04
N GLY B 320 -24.40 20.38 15.46
CA GLY B 320 -24.47 19.06 16.07
C GLY B 320 -25.77 18.59 16.70
N SER B 321 -25.64 17.78 17.74
CA SER B 321 -26.78 17.26 18.47
C SER B 321 -27.71 18.42 18.76
N PRO B 322 -28.80 18.51 18.01
CA PRO B 322 -29.86 19.52 18.04
C PRO B 322 -30.12 20.14 19.40
N ASP B 323 -30.23 19.27 20.41
CA ASP B 323 -30.50 19.70 21.78
C ASP B 323 -29.51 20.73 22.27
N ASP B 324 -28.24 20.33 22.35
CA ASP B 324 -27.21 21.24 22.82
C ASP B 324 -27.39 22.52 21.99
N VAL B 325 -27.42 22.35 20.67
CA VAL B 325 -27.61 23.46 19.75
C VAL B 325 -28.77 24.33 20.25
N LEU B 326 -29.80 23.66 20.75
CA LEU B 326 -30.97 24.32 21.29
C LEU B 326 -30.67 24.95 22.64
N GLU B 327 -30.23 24.14 23.60
CA GLU B 327 -29.92 24.67 24.92
C GLU B 327 -29.11 25.93 24.60
N PHE B 328 -28.10 25.75 23.76
CA PHE B 328 -27.25 26.86 23.37
C PHE B 328 -28.03 28.04 22.82
N LEU B 329 -28.64 27.83 21.65
CA LEU B 329 -29.44 28.84 20.98
C LEU B 329 -30.26 29.59 22.03
N LYS B 330 -30.65 28.88 23.09
CA LYS B 330 -31.43 29.48 24.16
C LYS B 330 -30.58 30.45 24.98
N VAL B 331 -29.64 29.91 25.76
CA VAL B 331 -28.76 30.74 26.57
C VAL B 331 -28.40 32.02 25.85
N TYR B 332 -28.41 31.95 24.54
CA TYR B 332 -28.11 33.09 23.70
C TYR B 332 -29.00 34.25 24.12
N GLU B 333 -30.22 34.27 23.58
CA GLU B 333 -31.20 35.32 23.85
C GLU B 333 -31.24 35.90 25.27
N LYS B 334 -31.02 35.06 26.27
CA LYS B 334 -31.03 35.52 27.65
C LYS B 334 -30.05 36.69 27.82
N HIS B 335 -29.29 37.00 26.76
CA HIS B 335 -28.32 38.10 26.78
C HIS B 335 -28.46 38.99 25.56
N SER B 336 -29.67 39.02 25.00
CA SER B 336 -29.95 39.82 23.83
C SER B 336 -31.28 40.53 24.06
N ALA B 337 -31.68 41.35 23.21
N ASP C 10 -3.95 15.85 -20.68
CA ASP C 10 -4.82 15.73 -19.47
C ASP C 10 -4.62 14.38 -18.83
N VAL C 11 -5.44 14.05 -17.84
CA VAL C 11 -5.31 12.75 -17.18
C VAL C 11 -6.55 11.88 -17.48
N ASN C 12 -6.51 10.62 -17.04
CA ASN C 12 -7.63 9.69 -17.25
C ASN C 12 -7.53 8.43 -16.38
N THR C 13 -8.66 8.06 -15.78
CA THR C 13 -8.76 6.90 -14.90
C THR C 13 -9.66 5.88 -15.61
N LEU C 14 -9.43 4.58 -15.42
CA LEU C 14 -10.27 3.61 -16.09
C LEU C 14 -11.74 3.95 -15.88
N THR C 15 -12.13 4.19 -14.63
CA THR C 15 -13.52 4.53 -14.33
C THR C 15 -13.99 5.76 -15.15
N ARG C 16 -13.27 6.88 -15.04
CA ARG C 16 -13.67 8.07 -15.78
C ARG C 16 -13.43 7.94 -17.29
N PHE C 17 -12.93 6.81 -17.75
CA PHE C 17 -12.70 6.57 -19.18
C PHE C 17 -13.99 6.02 -19.70
N VAL C 18 -14.64 5.25 -18.85
CA VAL C 18 -15.90 4.64 -19.19
C VAL C 18 -17.11 5.48 -18.78
N MET C 19 -16.95 6.30 -17.75
CA MET C 19 -18.06 7.12 -17.37
C MET C 19 -18.23 8.17 -18.47
N GLU C 20 -17.15 8.43 -19.21
CA GLU C 20 -17.19 9.40 -20.30
C GLU C 20 -17.90 8.71 -21.43
N GLU C 21 -17.45 7.50 -21.72
CA GLU C 21 -18.02 6.67 -22.76
C GLU C 21 -19.51 6.42 -22.50
N GLY C 22 -19.88 6.33 -21.24
CA GLY C 22 -21.26 6.09 -20.86
C GLY C 22 -22.17 7.19 -21.35
N ARG C 23 -21.84 8.42 -20.99
CA ARG C 23 -22.61 9.60 -21.39
C ARG C 23 -23.07 9.50 -22.85
N LYS C 24 -22.11 9.70 -23.75
CA LYS C 24 -22.34 9.64 -25.19
C LYS C 24 -23.30 8.50 -25.54
N ALA C 25 -22.95 7.30 -25.07
CA ALA C 25 -23.60 6.04 -25.39
C ALA C 25 -25.12 6.15 -25.27
N ARG C 26 -25.57 6.65 -24.10
CA ARG C 26 -27.00 6.82 -23.89
C ARG C 26 -27.72 5.47 -23.79
N GLY C 27 -27.15 4.59 -22.95
CA GLY C 27 -27.76 3.28 -22.77
C GLY C 27 -28.37 3.13 -21.37
N THR C 28 -28.38 1.86 -20.90
CA THR C 28 -28.93 1.61 -19.57
C THR C 28 -27.97 2.06 -18.46
N GLY C 29 -26.91 1.26 -18.27
CA GLY C 29 -25.92 1.61 -17.26
C GLY C 29 -25.36 0.37 -16.55
N GLU C 30 -25.87 -0.80 -16.96
CA GLU C 30 -25.39 -2.04 -16.35
C GLU C 30 -23.91 -2.10 -16.74
N LEU C 31 -23.67 -2.01 -18.06
CA LEU C 31 -22.28 -2.07 -18.54
C LEU C 31 -21.24 -1.30 -17.73
N THR C 32 -21.57 -0.03 -17.58
CA THR C 32 -20.75 0.82 -16.72
C THR C 32 -20.71 0.25 -15.33
N GLN C 33 -21.87 -0.02 -14.75
CA GLN C 33 -21.89 -0.60 -13.42
C GLN C 33 -21.15 -1.96 -13.46
N LEU C 34 -21.40 -2.72 -14.53
CA LEU C 34 -20.79 -4.04 -14.72
C LEU C 34 -19.28 -3.91 -14.65
N LEU C 35 -18.70 -3.27 -15.65
CA LEU C 35 -17.26 -3.08 -15.69
C LEU C 35 -16.73 -2.57 -14.38
N ASN C 36 -17.23 -1.41 -13.97
CA ASN C 36 -16.81 -0.80 -12.72
C ASN C 36 -16.70 -1.88 -11.66
N SER C 37 -17.82 -2.56 -11.39
CA SER C 37 -17.86 -3.63 -10.39
C SER C 37 -16.71 -4.62 -10.59
N LEU C 38 -16.42 -4.91 -11.85
CA LEU C 38 -15.34 -5.83 -12.21
C LEU C 38 -14.01 -5.16 -11.91
N CYS C 39 -13.82 -3.98 -12.48
CA CYS C 39 -12.60 -3.23 -12.28
C CYS C 39 -12.19 -3.37 -10.83
N THR C 40 -13.15 -3.13 -9.95
CA THR C 40 -12.92 -3.23 -8.53
C THR C 40 -12.53 -4.65 -8.19
N ALA C 41 -13.25 -5.61 -8.79
CA ALA C 41 -12.97 -7.00 -8.54
C ALA C 41 -11.52 -7.34 -8.86
N VAL C 42 -10.98 -6.74 -9.93
CA VAL C 42 -9.59 -6.99 -10.31
C VAL C 42 -8.59 -6.33 -9.37
N LYS C 43 -9.01 -5.26 -8.69
CA LYS C 43 -8.16 -4.55 -7.75
C LYS C 43 -8.11 -5.41 -6.51
N ALA C 44 -9.29 -5.84 -6.11
CA ALA C 44 -9.44 -6.69 -4.95
C ALA C 44 -8.48 -7.86 -5.03
N ILE C 45 -8.40 -8.51 -6.18
CA ILE C 45 -7.49 -9.64 -6.34
C ILE C 45 -6.07 -9.17 -6.37
N SER C 46 -5.82 -8.07 -7.10
CA SER C 46 -4.50 -7.47 -7.22
C SER C 46 -3.75 -7.53 -5.92
N SER C 47 -4.24 -6.79 -4.93
CA SER C 47 -3.61 -6.81 -3.62
C SER C 47 -3.35 -8.29 -3.32
N ALA C 48 -4.42 -9.07 -3.19
CA ALA C 48 -4.32 -10.49 -2.90
C ALA C 48 -3.17 -11.20 -3.62
N VAL C 49 -2.95 -10.90 -4.89
CA VAL C 49 -1.89 -11.57 -5.63
C VAL C 49 -0.51 -11.37 -5.01
N ARG C 50 -0.20 -10.14 -4.62
CA ARG C 50 1.08 -9.81 -4.00
C ARG C 50 1.02 -10.25 -2.56
N LYS C 51 0.28 -11.32 -2.32
CA LYS C 51 0.12 -11.84 -0.96
C LYS C 51 0.02 -10.67 -0.01
N ALA C 52 -1.15 -10.04 -0.04
CA ALA C 52 -1.50 -8.87 0.75
C ALA C 52 -1.36 -9.04 2.25
N GLY C 53 -1.78 -10.19 2.77
CA GLY C 53 -1.68 -10.37 4.20
C GLY C 53 -0.83 -11.55 4.60
N ILE C 54 -0.01 -12.03 3.67
CA ILE C 54 0.87 -13.17 3.91
C ILE C 54 1.56 -13.19 5.25
N ALA C 55 1.49 -12.07 5.97
CA ALA C 55 2.10 -11.96 7.28
C ALA C 55 1.20 -12.63 8.33
N HIS C 56 -0.11 -12.54 8.12
CA HIS C 56 -1.07 -13.13 9.04
C HIS C 56 -1.24 -14.63 8.85
N LEU C 57 -1.22 -15.11 7.59
CA LEU C 57 -1.39 -16.54 7.33
C LEU C 57 -0.24 -17.42 7.83
N TYR C 58 0.95 -16.85 7.98
CA TYR C 58 2.14 -17.59 8.42
C TYR C 58 2.57 -17.41 9.89
N GLY C 59 1.72 -16.81 10.71
CA GLY C 59 2.03 -16.67 12.13
C GLY C 59 2.09 -15.34 12.87
N ILE C 60 2.65 -14.31 12.24
CA ILE C 60 2.83 -13.00 12.86
C ILE C 60 1.83 -12.60 13.97
N ALA C 61 0.65 -13.21 13.94
CA ALA C 61 -0.40 -12.90 14.93
C ALA C 61 -0.56 -13.90 16.08
N GLY C 62 -0.79 -15.17 15.76
CA GLY C 62 -0.96 -16.17 16.80
C GLY C 62 -1.35 -17.56 16.31
N SER C 63 -1.49 -17.70 14.99
CA SER C 63 -1.86 -18.97 14.33
C SER C 63 -1.01 -19.25 13.08
N LYS C 73 -5.76 -22.51 -3.09
CA LYS C 73 -6.51 -21.73 -2.10
C LYS C 73 -6.68 -20.29 -2.55
N LEU C 74 -5.83 -19.88 -3.48
CA LEU C 74 -5.88 -18.53 -4.01
C LEU C 74 -6.84 -18.50 -5.20
N ASP C 75 -6.90 -19.59 -5.95
CA ASP C 75 -7.78 -19.66 -7.11
C ASP C 75 -9.17 -19.24 -6.66
N VAL C 76 -9.87 -20.17 -6.00
CA VAL C 76 -11.21 -19.94 -5.51
C VAL C 76 -11.43 -18.55 -4.94
N LEU C 77 -10.45 -17.97 -4.27
CA LEU C 77 -10.63 -16.64 -3.73
C LEU C 77 -10.84 -15.62 -4.85
N SER C 78 -9.99 -15.71 -5.87
CA SER C 78 -10.06 -14.81 -7.03
C SER C 78 -11.32 -15.07 -7.84
N ASN C 79 -11.86 -16.26 -7.69
CA ASN C 79 -13.07 -16.62 -8.38
C ASN C 79 -14.22 -16.06 -7.52
N ASP C 80 -14.19 -16.38 -6.23
CA ASP C 80 -15.21 -15.92 -5.31
C ASP C 80 -15.44 -14.47 -5.58
N LEU C 81 -14.36 -13.71 -5.50
CA LEU C 81 -14.41 -12.27 -5.76
C LEU C 81 -15.31 -11.92 -6.93
N VAL C 82 -14.67 -11.66 -8.08
CA VAL C 82 -15.34 -11.28 -9.31
C VAL C 82 -16.81 -11.61 -9.26
N MET C 83 -17.09 -12.87 -8.91
CA MET C 83 -18.46 -13.35 -8.83
C MET C 83 -19.29 -12.44 -7.93
N ASN C 84 -19.25 -12.69 -6.63
CA ASN C 84 -20.03 -11.90 -5.67
C ASN C 84 -20.18 -10.40 -5.94
N MET C 85 -19.42 -9.85 -6.90
CA MET C 85 -19.51 -8.44 -7.28
C MET C 85 -20.20 -8.30 -8.64
N LEU C 86 -19.96 -9.25 -9.53
CA LEU C 86 -20.59 -9.20 -10.83
C LEU C 86 -22.11 -9.29 -10.62
N LYS C 87 -22.54 -10.27 -9.83
CA LYS C 87 -23.96 -10.47 -9.52
C LYS C 87 -24.39 -9.25 -8.71
N SER C 88 -23.45 -8.75 -7.92
CA SER C 88 -23.67 -7.60 -7.06
C SER C 88 -23.36 -6.29 -7.80
N SER C 89 -23.46 -6.35 -9.13
CA SER C 89 -23.26 -5.18 -9.98
C SER C 89 -24.61 -4.92 -10.67
N PHE C 90 -25.60 -5.73 -10.29
CA PHE C 90 -26.94 -5.67 -10.86
C PHE C 90 -26.77 -5.50 -12.35
N ALA C 91 -25.78 -6.18 -12.91
CA ALA C 91 -25.49 -6.10 -14.34
C ALA C 91 -25.44 -7.46 -15.00
N THR C 92 -25.43 -8.50 -14.19
CA THR C 92 -25.34 -9.83 -14.75
C THR C 92 -26.65 -10.59 -14.78
N CYS C 93 -26.53 -11.90 -15.00
CA CYS C 93 -27.66 -12.83 -15.08
C CYS C 93 -27.07 -14.25 -15.16
N VAL C 94 -26.55 -14.62 -16.34
CA VAL C 94 -25.95 -15.94 -16.51
C VAL C 94 -24.44 -15.82 -16.37
N LEU C 95 -23.90 -16.43 -15.33
CA LEU C 95 -22.47 -16.35 -15.09
C LEU C 95 -21.75 -17.67 -15.35
N VAL C 96 -20.83 -17.64 -16.32
CA VAL C 96 -20.06 -18.83 -16.67
C VAL C 96 -18.67 -18.64 -16.09
N SER C 97 -18.06 -19.73 -15.64
CA SER C 97 -16.73 -19.63 -15.08
C SER C 97 -15.92 -20.91 -15.12
N GLU C 98 -14.64 -20.76 -15.43
CA GLU C 98 -13.71 -21.87 -15.52
C GLU C 98 -13.64 -22.62 -14.22
N GLU C 99 -14.29 -22.09 -13.18
CA GLU C 99 -14.25 -22.73 -11.87
C GLU C 99 -15.61 -23.19 -11.27
N ASP C 100 -16.56 -23.62 -12.11
CA ASP C 100 -17.87 -24.11 -11.62
C ASP C 100 -18.47 -25.03 -12.69
N LYS C 101 -18.36 -26.34 -12.46
CA LYS C 101 -18.89 -27.38 -13.36
C LYS C 101 -19.74 -26.85 -14.52
N HIS C 102 -21.01 -26.53 -14.22
CA HIS C 102 -22.00 -26.00 -15.18
C HIS C 102 -21.88 -24.48 -15.30
N ALA C 103 -22.98 -23.81 -14.97
CA ALA C 103 -23.07 -22.35 -15.01
C ALA C 103 -23.87 -21.83 -13.80
N ILE C 104 -23.62 -20.59 -13.38
CA ILE C 104 -24.33 -20.03 -12.23
C ILE C 104 -25.36 -18.98 -12.69
N ILE C 105 -26.60 -19.23 -12.30
CA ILE C 105 -27.73 -18.37 -12.68
C ILE C 105 -28.15 -17.30 -11.67
N VAL C 106 -27.70 -16.07 -11.87
CA VAL C 106 -28.03 -14.93 -11.00
C VAL C 106 -29.43 -15.09 -10.39
N GLU C 107 -29.55 -14.84 -9.10
CA GLU C 107 -30.85 -14.94 -8.43
C GLU C 107 -31.82 -14.07 -9.21
N PRO C 108 -33.12 -14.29 -9.01
CA PRO C 108 -34.13 -13.51 -9.71
C PRO C 108 -34.10 -12.02 -9.36
N GLU C 109 -33.72 -11.72 -8.12
CA GLU C 109 -33.67 -10.34 -7.62
C GLU C 109 -32.47 -9.49 -8.03
N LYS C 110 -31.28 -10.10 -8.10
CA LYS C 110 -30.06 -9.38 -8.49
C LYS C 110 -29.77 -9.53 -9.96
N ARG C 111 -30.80 -9.54 -10.81
CA ARG C 111 -30.59 -9.74 -12.24
C ARG C 111 -30.23 -8.54 -13.09
N GLY C 112 -29.82 -8.85 -14.31
CA GLY C 112 -29.46 -7.85 -15.29
C GLY C 112 -29.68 -8.43 -16.66
N LYS C 113 -28.96 -7.90 -17.65
CA LYS C 113 -29.07 -8.36 -19.03
C LYS C 113 -27.76 -8.96 -19.57
N TYR C 114 -26.65 -8.29 -19.29
CA TYR C 114 -25.37 -8.76 -19.78
C TYR C 114 -24.93 -10.02 -19.09
N VAL C 115 -24.57 -11.02 -19.88
CA VAL C 115 -24.06 -12.29 -19.36
C VAL C 115 -22.55 -12.13 -19.44
N VAL C 116 -21.83 -12.73 -18.50
CA VAL C 116 -20.39 -12.61 -18.49
C VAL C 116 -19.60 -13.91 -18.41
N CYS C 117 -18.59 -13.99 -19.27
CA CYS C 117 -17.69 -15.12 -19.32
C CYS C 117 -16.34 -14.58 -18.97
N PHE C 118 -15.69 -15.22 -18.01
CA PHE C 118 -14.40 -14.78 -17.55
C PHE C 118 -13.63 -15.96 -16.98
N ASP C 119 -12.31 -15.92 -17.08
CA ASP C 119 -11.52 -16.97 -16.47
C ASP C 119 -11.03 -16.22 -15.26
N PRO C 120 -11.59 -16.53 -14.08
CA PRO C 120 -11.15 -15.84 -12.87
C PRO C 120 -9.66 -15.50 -12.84
N LEU C 121 -8.82 -16.52 -12.71
CA LEU C 121 -7.38 -16.38 -12.67
C LEU C 121 -6.65 -17.46 -13.47
N ASP C 122 -5.86 -17.03 -14.43
CA ASP C 122 -5.10 -17.95 -15.27
C ASP C 122 -3.60 -17.82 -14.95
N GLY C 123 -3.01 -18.97 -14.64
CA GLY C 123 -1.60 -19.06 -14.29
C GLY C 123 -1.57 -19.71 -12.92
N SER C 124 -2.66 -20.38 -12.59
CA SER C 124 -2.84 -21.05 -11.30
C SER C 124 -2.02 -22.30 -11.05
N SER C 125 -1.78 -23.12 -12.09
CA SER C 125 -0.96 -24.34 -11.94
C SER C 125 0.52 -24.06 -12.28
N ASN C 126 0.86 -22.77 -12.25
CA ASN C 126 2.19 -22.26 -12.52
C ASN C 126 2.38 -21.04 -11.62
N ILE C 127 1.54 -20.87 -10.62
CA ILE C 127 1.69 -19.70 -9.75
C ILE C 127 2.50 -20.06 -8.50
N ASP C 128 3.39 -21.04 -8.63
CA ASP C 128 4.26 -21.48 -7.54
C ASP C 128 5.58 -20.73 -7.67
N CYS C 129 6.13 -20.76 -8.88
CA CYS C 129 7.39 -20.08 -9.17
C CYS C 129 7.08 -18.58 -9.22
N LEU C 130 5.80 -18.26 -9.01
CA LEU C 130 5.31 -16.88 -8.97
C LEU C 130 5.02 -16.20 -10.29
N VAL C 131 5.32 -16.87 -11.39
CA VAL C 131 5.13 -16.31 -12.72
C VAL C 131 3.91 -15.40 -12.87
N SER C 132 3.90 -14.62 -13.95
CA SER C 132 2.80 -13.72 -14.23
C SER C 132 1.52 -14.45 -14.54
N VAL C 133 0.50 -14.09 -13.77
CA VAL C 133 -0.85 -14.64 -13.89
C VAL C 133 -1.79 -13.42 -13.92
N GLY C 134 -2.81 -13.48 -14.76
CA GLY C 134 -3.73 -12.36 -14.86
C GLY C 134 -5.14 -12.83 -15.01
N THR C 135 -5.98 -11.97 -15.56
CA THR C 135 -7.38 -12.31 -15.73
C THR C 135 -7.85 -11.81 -17.09
N ILE C 136 -8.75 -12.58 -17.70
CA ILE C 136 -9.32 -12.28 -19.00
C ILE C 136 -10.81 -12.42 -18.85
N PHE C 137 -11.55 -11.70 -19.68
CA PHE C 137 -13.00 -11.78 -19.62
C PHE C 137 -13.69 -11.19 -20.83
N GLY C 138 -14.86 -11.73 -21.10
CA GLY C 138 -15.68 -11.31 -22.22
C GLY C 138 -17.05 -10.94 -21.69
N ILE C 139 -17.83 -10.23 -22.50
CA ILE C 139 -19.15 -9.82 -22.07
C ILE C 139 -20.14 -9.80 -23.23
N TYR C 140 -21.13 -10.69 -23.16
CA TYR C 140 -22.18 -10.78 -24.18
C TYR C 140 -23.48 -10.26 -23.53
N ARG C 141 -24.32 -9.61 -24.34
CA ARG C 141 -25.60 -9.06 -23.90
C ARG C 141 -26.63 -10.17 -24.16
N LYS C 142 -27.35 -10.56 -23.10
CA LYS C 142 -28.35 -11.65 -23.18
C LYS C 142 -29.05 -11.83 -24.53
N LYS C 143 -29.19 -13.09 -24.94
CA LYS C 143 -29.80 -13.36 -26.22
C LYS C 143 -31.25 -13.87 -26.14
N SER C 144 -31.58 -14.64 -25.11
CA SER C 144 -32.95 -15.17 -25.01
C SER C 144 -33.93 -14.50 -24.03
N THR C 145 -35.19 -14.42 -24.44
CA THR C 145 -36.22 -13.86 -23.59
C THR C 145 -36.59 -15.02 -22.65
N ASP C 146 -35.79 -16.08 -22.76
CA ASP C 146 -35.95 -17.28 -21.95
C ASP C 146 -35.12 -17.11 -20.68
N GLU C 147 -35.57 -17.71 -19.57
CA GLU C 147 -34.86 -17.61 -18.30
C GLU C 147 -33.40 -18.06 -18.33
N PRO C 148 -32.47 -17.13 -18.02
CA PRO C 148 -31.01 -17.27 -17.97
C PRO C 148 -30.43 -18.66 -17.69
N SER C 149 -29.80 -19.23 -18.71
CA SER C 149 -29.18 -20.54 -18.64
C SER C 149 -27.99 -20.47 -19.54
N GLU C 150 -27.14 -21.49 -19.48
CA GLU C 150 -25.96 -21.54 -20.33
C GLU C 150 -26.33 -21.32 -21.79
N LYS C 151 -27.39 -21.99 -22.22
CA LYS C 151 -27.85 -21.85 -23.60
C LYS C 151 -27.68 -20.38 -23.96
N ASP C 152 -27.95 -19.51 -23.00
CA ASP C 152 -27.83 -18.09 -23.21
C ASP C 152 -26.39 -17.65 -23.49
N ALA C 153 -25.48 -18.01 -22.60
CA ALA C 153 -24.06 -17.66 -22.72
C ALA C 153 -23.39 -18.25 -23.97
N LEU C 154 -23.91 -19.37 -24.43
CA LEU C 154 -23.40 -20.00 -25.62
C LEU C 154 -23.56 -18.94 -26.69
N GLN C 155 -22.45 -18.40 -27.19
CA GLN C 155 -22.49 -17.37 -28.22
C GLN C 155 -21.11 -17.29 -28.88
N PRO C 156 -21.04 -16.71 -30.09
CA PRO C 156 -19.77 -16.58 -30.80
C PRO C 156 -18.96 -15.41 -30.27
N GLY C 157 -17.64 -15.55 -30.33
CA GLY C 157 -16.77 -14.48 -29.84
C GLY C 157 -17.02 -13.14 -30.49
N ARG C 158 -17.50 -13.18 -31.73
CA ARG C 158 -17.81 -11.95 -32.45
C ARG C 158 -18.95 -11.26 -31.72
N ASN C 159 -19.90 -12.08 -31.28
CA ASN C 159 -21.12 -11.66 -30.56
C ASN C 159 -20.80 -10.88 -29.27
N LEU C 160 -19.53 -10.92 -28.89
CA LEU C 160 -19.06 -10.23 -27.70
C LEU C 160 -19.43 -8.75 -27.70
N VAL C 161 -19.99 -8.30 -26.58
CA VAL C 161 -20.38 -6.91 -26.42
C VAL C 161 -19.14 -6.16 -26.00
N ALA C 162 -18.34 -6.83 -25.17
CA ALA C 162 -17.08 -6.29 -24.66
C ALA C 162 -16.26 -7.42 -24.07
N ALA C 163 -15.05 -7.09 -23.64
CA ALA C 163 -14.15 -8.07 -23.07
C ALA C 163 -12.79 -7.43 -22.91
N GLY C 164 -11.90 -8.10 -22.20
CA GLY C 164 -10.60 -7.52 -22.02
C GLY C 164 -9.91 -8.36 -20.98
N TYR C 165 -8.81 -7.84 -20.45
CA TYR C 165 -8.07 -8.60 -19.46
C TYR C 165 -7.18 -7.66 -18.68
N ALA C 166 -6.64 -8.17 -17.58
CA ALA C 166 -5.73 -7.43 -16.71
C ALA C 166 -4.66 -8.44 -16.35
N LEU C 167 -3.40 -8.09 -16.56
CA LEU C 167 -2.28 -8.98 -16.28
C LEU C 167 -1.48 -8.56 -15.06
N TYR C 168 -1.43 -9.40 -14.02
CA TYR C 168 -0.67 -9.06 -12.83
C TYR C 168 0.81 -9.36 -13.02
N GLY C 169 1.52 -8.43 -13.64
CA GLY C 169 2.94 -8.62 -13.89
C GLY C 169 3.78 -7.65 -13.10
N SER C 170 4.88 -7.19 -13.68
CA SER C 170 5.78 -6.23 -13.02
C SER C 170 4.89 -5.15 -12.46
N ALA C 171 3.67 -5.15 -12.96
CA ALA C 171 2.64 -4.21 -12.58
C ALA C 171 1.31 -4.89 -12.84
N THR C 172 0.25 -4.32 -12.26
CA THR C 172 -1.11 -4.84 -12.43
C THR C 172 -1.79 -4.07 -13.55
N MET C 173 -1.39 -4.33 -14.79
CA MET C 173 -1.98 -3.65 -15.93
C MET C 173 -3.32 -4.23 -16.39
N LEU C 174 -4.11 -3.40 -17.05
CA LEU C 174 -5.42 -3.82 -17.54
C LEU C 174 -5.59 -3.43 -19.02
N VAL C 175 -6.01 -4.42 -19.80
CA VAL C 175 -6.23 -4.23 -21.21
C VAL C 175 -7.70 -4.54 -21.44
N LEU C 176 -8.47 -3.48 -21.73
CA LEU C 176 -9.90 -3.59 -21.96
C LEU C 176 -10.28 -3.51 -23.42
N ALA C 177 -10.99 -4.52 -23.90
CA ALA C 177 -11.44 -4.55 -25.29
C ALA C 177 -12.93 -4.15 -25.44
N MET C 178 -13.20 -3.13 -26.25
CA MET C 178 -14.57 -2.69 -26.49
C MET C 178 -14.72 -2.32 -27.94
N ASP C 179 -15.80 -1.59 -28.23
CA ASP C 179 -16.08 -1.13 -29.58
C ASP C 179 -15.01 -0.15 -30.05
N CYS C 180 -14.82 0.90 -29.27
CA CYS C 180 -13.81 1.94 -29.51
C CYS C 180 -12.52 1.34 -30.07
N GLY C 181 -11.82 0.62 -29.18
CA GLY C 181 -10.57 -0.03 -29.52
C GLY C 181 -10.15 -0.79 -28.28
N VAL C 182 -8.86 -0.76 -27.98
CA VAL C 182 -8.34 -1.41 -26.78
C VAL C 182 -7.58 -0.32 -26.06
N ASN C 183 -7.73 -0.25 -24.74
CA ASN C 183 -7.05 0.77 -23.95
C ASN C 183 -6.48 0.17 -22.65
N CYS C 184 -5.28 0.59 -22.27
CA CYS C 184 -4.62 0.05 -21.09
C CYS C 184 -4.74 0.82 -19.78
N PHE C 185 -4.47 0.14 -18.67
CA PHE C 185 -4.53 0.75 -17.34
C PHE C 185 -3.57 0.11 -16.33
N MET C 186 -2.62 0.89 -15.84
CA MET C 186 -1.62 0.41 -14.87
C MET C 186 -2.00 0.81 -13.45
N LEU C 187 -1.95 -0.13 -12.52
CA LEU C 187 -2.33 0.14 -11.14
C LEU C 187 -1.32 0.89 -10.29
N ASP C 188 -1.82 1.88 -9.56
CA ASP C 188 -1.02 2.67 -8.66
C ASP C 188 -1.56 2.18 -7.30
N PRO C 189 -0.91 1.15 -6.74
CA PRO C 189 -1.28 0.52 -5.45
C PRO C 189 -1.16 1.44 -4.23
N ALA C 190 -1.00 2.74 -4.49
CA ALA C 190 -0.86 3.79 -3.46
C ALA C 190 -2.18 4.49 -3.22
N ILE C 191 -2.86 4.87 -4.33
CA ILE C 191 -4.16 5.51 -4.23
C ILE C 191 -5.22 4.44 -4.56
N GLY C 192 -5.01 3.71 -5.66
CA GLY C 192 -5.95 2.68 -6.05
C GLY C 192 -6.81 3.09 -7.24
N GLU C 193 -6.24 3.00 -8.43
CA GLU C 193 -6.97 3.40 -9.62
C GLU C 193 -6.27 2.83 -10.87
N PHE C 194 -6.95 2.92 -12.00
CA PHE C 194 -6.41 2.46 -13.25
C PHE C 194 -6.14 3.65 -14.13
N ILE C 195 -4.86 3.96 -14.29
CA ILE C 195 -4.42 5.09 -15.10
C ILE C 195 -4.34 4.70 -16.57
N LEU C 196 -5.00 5.46 -17.42
CA LEU C 196 -4.96 5.23 -18.86
C LEU C 196 -3.52 5.52 -19.21
N VAL C 197 -2.84 4.52 -19.76
CA VAL C 197 -1.42 4.67 -20.10
C VAL C 197 -1.08 4.75 -21.59
N ASP C 198 -1.55 3.78 -22.38
CA ASP C 198 -1.31 3.83 -23.81
C ASP C 198 -2.68 3.95 -24.44
N LYS C 199 -3.03 5.19 -24.78
CA LYS C 199 -4.31 5.54 -25.39
C LYS C 199 -4.61 4.78 -26.67
N ASP C 200 -5.33 3.67 -26.53
CA ASP C 200 -5.74 2.84 -27.67
C ASP C 200 -4.57 2.26 -28.49
N VAL C 201 -4.48 0.94 -28.53
CA VAL C 201 -3.38 0.31 -29.23
C VAL C 201 -3.71 -0.61 -30.42
N LYS C 202 -2.66 -0.85 -31.19
CA LYS C 202 -2.67 -1.71 -32.36
C LYS C 202 -1.34 -2.46 -32.30
N ILE C 203 -1.31 -3.63 -32.93
CA ILE C 203 -0.12 -4.45 -32.95
C ILE C 203 0.70 -4.16 -34.23
N LYS C 204 2.02 -4.37 -34.15
CA LYS C 204 2.94 -4.15 -35.28
C LYS C 204 2.40 -4.86 -36.55
N LYS C 205 3.00 -4.58 -37.71
CA LYS C 205 2.56 -5.28 -38.91
C LYS C 205 3.37 -6.57 -38.88
N LYS C 206 4.66 -6.40 -38.60
CA LYS C 206 5.60 -7.52 -38.52
C LYS C 206 6.06 -7.72 -37.08
N GLY C 207 6.13 -8.97 -36.66
CA GLY C 207 6.58 -9.28 -35.32
C GLY C 207 7.85 -10.12 -35.40
N LYS C 208 8.59 -10.24 -34.30
CA LYS C 208 9.83 -11.02 -34.34
C LYS C 208 10.00 -11.88 -33.10
N ILE C 209 8.90 -12.41 -32.58
CA ILE C 209 8.97 -13.23 -31.40
C ILE C 209 7.80 -14.19 -31.36
N TYR C 210 8.02 -15.42 -31.79
CA TYR C 210 6.95 -16.41 -31.77
C TYR C 210 6.77 -16.95 -30.36
N SER C 211 5.62 -17.53 -30.04
CA SER C 211 5.42 -18.01 -28.70
C SER C 211 4.63 -19.30 -28.52
N LEU C 212 5.23 -20.27 -27.82
CA LEU C 212 4.56 -21.54 -27.52
C LEU C 212 5.45 -22.64 -26.94
N ASN C 213 4.78 -23.58 -26.28
CA ASN C 213 5.35 -24.76 -25.63
C ASN C 213 5.84 -25.69 -26.76
N GLU C 214 7.13 -25.63 -27.07
CA GLU C 214 7.72 -26.42 -28.16
C GLU C 214 8.14 -27.85 -27.83
N GLY C 215 7.66 -28.37 -26.71
CA GLY C 215 7.96 -29.73 -26.32
C GLY C 215 6.93 -30.61 -26.99
N TYR C 216 5.75 -30.01 -27.18
CA TYR C 216 4.67 -30.70 -27.86
C TYR C 216 5.08 -30.68 -29.32
N ALA C 217 6.40 -30.74 -29.51
CA ALA C 217 6.98 -30.74 -30.84
C ALA C 217 6.76 -32.12 -31.44
N LYS C 218 6.60 -33.14 -30.60
CA LYS C 218 6.39 -34.50 -31.11
C LYS C 218 4.93 -34.69 -31.51
N ASP C 219 4.06 -33.86 -30.96
CA ASP C 219 2.64 -34.00 -31.26
C ASP C 219 2.11 -32.83 -32.11
N PHE C 220 3.05 -32.20 -32.81
CA PHE C 220 2.76 -31.10 -33.71
C PHE C 220 2.41 -31.69 -35.07
N ASP C 221 1.64 -30.95 -35.86
CA ASP C 221 1.31 -31.39 -37.20
C ASP C 221 2.36 -30.72 -38.09
N PRO C 222 2.77 -31.40 -39.16
CA PRO C 222 3.78 -30.88 -40.11
C PRO C 222 3.76 -29.35 -40.30
N ALA C 223 2.55 -28.82 -40.56
CA ALA C 223 2.33 -27.39 -40.77
C ALA C 223 2.91 -26.53 -39.66
N VAL C 224 2.24 -26.56 -38.51
CA VAL C 224 2.70 -25.82 -37.35
C VAL C 224 4.20 -26.03 -37.23
N THR C 225 4.60 -27.29 -37.41
CA THR C 225 6.00 -27.74 -37.33
C THR C 225 6.97 -26.95 -38.20
N GLU C 226 6.64 -26.81 -39.47
CA GLU C 226 7.50 -26.13 -40.43
C GLU C 226 7.61 -24.61 -40.25
N TYR C 227 6.58 -23.99 -39.71
CA TYR C 227 6.62 -22.53 -39.48
C TYR C 227 7.71 -22.21 -38.44
N ILE C 228 7.91 -23.11 -37.49
CA ILE C 228 8.91 -22.91 -36.48
C ILE C 228 10.23 -22.98 -37.20
N GLN C 229 10.27 -23.88 -38.20
CA GLN C 229 11.45 -24.12 -39.02
C GLN C 229 11.90 -22.96 -39.88
N ARG C 230 10.96 -22.30 -40.53
CA ARG C 230 11.32 -21.19 -41.38
C ARG C 230 11.90 -20.03 -40.57
N LYS C 231 11.57 -19.96 -39.28
CA LYS C 231 12.07 -18.88 -38.44
C LYS C 231 13.31 -19.38 -37.70
N LYS C 232 13.22 -20.58 -37.12
CA LYS C 232 14.34 -21.19 -36.42
C LYS C 232 15.52 -21.01 -37.36
N PHE C 233 15.19 -21.08 -38.65
CA PHE C 233 16.14 -20.91 -39.76
C PHE C 233 15.34 -20.26 -40.88
N PRO C 234 15.60 -18.97 -41.12
CA PRO C 234 14.89 -18.26 -42.19
C PRO C 234 15.04 -18.85 -43.59
N PRO C 235 14.02 -18.64 -44.43
CA PRO C 235 13.96 -19.10 -45.82
C PRO C 235 14.63 -18.01 -46.67
N ASP C 236 14.83 -16.86 -46.02
CA ASP C 236 15.48 -15.69 -46.61
C ASP C 236 16.32 -14.96 -45.55
N ASN C 237 17.32 -15.70 -45.05
CA ASN C 237 18.30 -15.31 -44.02
C ASN C 237 18.31 -13.94 -43.34
N SER C 238 17.14 -13.31 -43.24
CA SER C 238 17.01 -12.04 -42.56
C SER C 238 16.81 -12.42 -41.10
N ALA C 239 17.11 -11.51 -40.16
CA ALA C 239 17.00 -11.78 -38.72
C ALA C 239 16.18 -13.03 -38.36
N PRO C 240 16.76 -13.93 -37.55
CA PRO C 240 16.16 -15.20 -37.09
C PRO C 240 15.30 -15.06 -35.82
N TYR C 241 13.99 -14.80 -36.00
CA TYR C 241 13.01 -14.63 -34.91
C TYR C 241 13.44 -15.14 -33.56
N GLY C 242 12.97 -14.46 -32.52
CA GLY C 242 13.32 -14.86 -31.18
C GLY C 242 12.22 -15.69 -30.56
N ALA C 243 12.58 -16.58 -29.63
CA ALA C 243 11.61 -17.43 -28.97
C ALA C 243 11.38 -17.02 -27.52
N ARG C 244 10.10 -16.96 -27.13
CA ARG C 244 9.67 -16.61 -25.77
C ARG C 244 8.44 -17.48 -25.47
N TYR C 245 8.06 -17.58 -24.20
CA TYR C 245 6.89 -18.38 -23.81
C TYR C 245 6.80 -18.64 -22.32
N VAL C 246 5.90 -17.92 -21.63
CA VAL C 246 5.69 -18.07 -20.19
C VAL C 246 4.71 -19.19 -19.81
N GLY C 247 3.88 -19.57 -20.78
CA GLY C 247 2.91 -20.63 -20.57
C GLY C 247 1.54 -20.07 -20.24
N SER C 248 1.58 -19.11 -19.32
CA SER C 248 0.41 -18.40 -18.84
C SER C 248 -0.22 -17.60 -20.01
N MET C 249 -1.44 -17.99 -20.39
CA MET C 249 -2.20 -17.38 -21.48
C MET C 249 -2.12 -15.85 -21.54
N VAL C 250 -2.46 -15.18 -20.45
CA VAL C 250 -2.40 -13.73 -20.48
C VAL C 250 -0.98 -13.21 -20.54
N ALA C 251 -0.10 -13.75 -19.70
CA ALA C 251 1.30 -13.33 -19.65
C ALA C 251 1.94 -13.14 -21.02
N ASP C 252 1.40 -13.85 -22.00
CA ASP C 252 1.94 -13.81 -23.37
C ASP C 252 1.19 -12.96 -24.40
N VAL C 253 -0.05 -13.32 -24.70
CA VAL C 253 -0.84 -12.56 -25.68
C VAL C 253 -0.52 -11.08 -25.53
N HIS C 254 -0.44 -10.66 -24.28
CA HIS C 254 -0.14 -9.29 -23.94
C HIS C 254 1.24 -8.95 -24.48
N ARG C 255 2.27 -9.56 -23.90
CA ARG C 255 3.64 -9.32 -24.32
C ARG C 255 3.67 -9.25 -25.82
N THR C 256 2.80 -10.03 -26.44
CA THR C 256 2.68 -10.06 -27.89
C THR C 256 2.18 -8.72 -28.42
N LEU C 257 1.11 -8.21 -27.83
CA LEU C 257 0.51 -6.96 -28.24
C LEU C 257 1.39 -5.72 -28.13
N VAL C 258 2.48 -5.80 -27.36
CA VAL C 258 3.40 -4.66 -27.19
C VAL C 258 4.62 -4.82 -28.08
N TYR C 259 5.08 -6.06 -28.20
CA TYR C 259 6.27 -6.38 -28.96
C TYR C 259 6.12 -7.05 -30.31
N GLY C 260 4.90 -7.22 -30.80
CA GLY C 260 4.74 -7.87 -32.07
C GLY C 260 5.31 -9.28 -32.03
N GLY C 261 4.55 -10.22 -32.57
CA GLY C 261 4.99 -11.59 -32.58
C GLY C 261 3.81 -12.44 -32.97
N ILE C 262 3.77 -13.67 -32.51
CA ILE C 262 2.67 -14.55 -32.86
C ILE C 262 2.45 -15.55 -31.74
N PHE C 263 1.19 -15.88 -31.47
CA PHE C 263 0.87 -16.81 -30.39
C PHE C 263 0.25 -18.13 -30.86
N LEU C 264 0.98 -19.21 -30.65
CA LEU C 264 0.48 -20.50 -31.08
C LEU C 264 0.28 -21.49 -29.96
N TYR C 265 -0.78 -22.28 -30.11
CA TYR C 265 -1.10 -23.35 -29.20
C TYR C 265 -2.13 -24.24 -29.87
N PRO C 266 -1.75 -24.82 -31.01
CA PRO C 266 -2.60 -25.70 -31.81
C PRO C 266 -2.78 -27.06 -31.15
N ALA C 267 -3.47 -27.95 -31.86
CA ALA C 267 -3.74 -29.31 -31.41
C ALA C 267 -2.44 -30.08 -31.32
N ASN C 268 -2.52 -31.29 -30.76
CA ASN C 268 -1.34 -32.10 -30.59
C ASN C 268 -1.72 -33.49 -30.08
N LYS C 269 -1.10 -33.93 -28.96
CA LYS C 269 -1.44 -35.26 -28.42
C LYS C 269 -2.77 -35.17 -27.72
N LYS C 270 -3.01 -34.01 -27.08
CA LYS C 270 -4.28 -33.80 -26.41
C LYS C 270 -5.33 -34.28 -27.42
N SER C 271 -5.49 -33.47 -28.47
CA SER C 271 -6.42 -33.72 -29.57
C SER C 271 -6.57 -32.51 -30.49
N PRO C 272 -6.94 -32.75 -31.76
CA PRO C 272 -7.17 -31.86 -32.89
C PRO C 272 -8.22 -30.74 -32.69
N ASN C 273 -8.68 -30.57 -31.43
CA ASN C 273 -9.69 -29.55 -31.10
C ASN C 273 -9.11 -28.31 -30.45
N GLY C 274 -8.10 -28.49 -29.60
CA GLY C 274 -7.49 -27.34 -28.95
C GLY C 274 -6.82 -27.68 -27.63
N LYS C 275 -7.10 -26.82 -26.64
CA LYS C 275 -6.58 -26.94 -25.27
C LYS C 275 -7.23 -25.83 -24.44
N LEU C 276 -7.18 -24.61 -24.97
CA LEU C 276 -7.74 -23.44 -24.31
C LEU C 276 -9.25 -23.28 -24.46
N ARG C 277 -9.92 -23.02 -23.34
CA ARG C 277 -11.35 -22.84 -23.36
C ARG C 277 -11.72 -21.65 -24.22
N LEU C 278 -12.74 -21.85 -25.04
CA LEU C 278 -13.23 -20.84 -25.97
C LEU C 278 -13.73 -19.51 -25.37
N LEU C 279 -14.88 -19.58 -24.72
CA LEU C 279 -15.58 -18.45 -24.08
C LEU C 279 -14.72 -17.43 -23.34
N TYR C 280 -13.80 -17.91 -22.51
CA TYR C 280 -12.98 -17.05 -21.68
C TYR C 280 -11.46 -17.13 -21.79
N GLU C 281 -10.93 -18.16 -22.46
CA GLU C 281 -9.48 -18.26 -22.63
C GLU C 281 -9.13 -18.16 -24.11
N CYS C 282 -10.02 -17.57 -24.90
CA CYS C 282 -9.82 -17.42 -26.33
C CYS C 282 -10.57 -16.22 -26.87
N ASN C 283 -11.85 -16.45 -27.15
CA ASN C 283 -12.76 -15.43 -27.69
C ASN C 283 -12.50 -14.04 -27.13
N PRO C 284 -12.28 -13.93 -25.80
CA PRO C 284 -12.02 -12.59 -25.29
C PRO C 284 -10.68 -12.17 -25.92
N MET C 285 -9.64 -12.95 -25.63
CA MET C 285 -8.31 -12.65 -26.17
C MET C 285 -8.42 -12.47 -27.67
N ALA C 286 -9.37 -13.17 -28.28
CA ALA C 286 -9.59 -13.08 -29.71
C ALA C 286 -10.11 -11.69 -30.09
N TYR C 287 -11.20 -11.28 -29.44
CA TYR C 287 -11.83 -9.98 -29.64
C TYR C 287 -10.75 -8.91 -29.49
N VAL C 288 -9.95 -9.08 -28.43
CA VAL C 288 -8.85 -8.18 -28.10
C VAL C 288 -7.87 -8.05 -29.25
N MET C 289 -7.26 -9.17 -29.64
CA MET C 289 -6.31 -9.16 -30.72
C MET C 289 -6.86 -8.43 -31.93
N GLU C 290 -7.94 -8.95 -32.50
CA GLU C 290 -8.52 -8.28 -33.66
C GLU C 290 -8.74 -6.79 -33.37
N LYS C 291 -9.70 -6.46 -32.52
CA LYS C 291 -9.99 -5.06 -32.15
C LYS C 291 -8.80 -4.08 -32.10
N ALA C 292 -7.75 -4.42 -31.35
CA ALA C 292 -6.59 -3.54 -31.27
C ALA C 292 -6.18 -3.28 -32.70
N GLY C 293 -5.97 -4.37 -33.43
CA GLY C 293 -5.59 -4.31 -34.83
C GLY C 293 -4.72 -5.46 -35.38
N GLY C 294 -5.05 -6.71 -35.04
CA GLY C 294 -4.25 -7.83 -35.49
C GLY C 294 -5.03 -8.96 -36.11
N MET C 295 -4.44 -10.16 -36.11
CA MET C 295 -5.10 -11.32 -36.70
C MET C 295 -5.38 -12.47 -35.72
N ALA C 296 -6.41 -13.25 -36.01
CA ALA C 296 -6.77 -14.37 -35.15
C ALA C 296 -7.37 -15.52 -35.96
N THR C 297 -6.99 -16.76 -35.59
CA THR C 297 -7.50 -17.95 -36.27
C THR C 297 -7.24 -19.26 -35.50
N THR C 298 -7.95 -20.31 -35.93
CA THR C 298 -7.84 -21.66 -35.35
C THR C 298 -7.14 -22.48 -36.41
N GLY C 299 -6.95 -21.86 -37.57
CA GLY C 299 -6.32 -22.58 -38.66
C GLY C 299 -7.44 -23.43 -39.21
N LYS C 300 -8.67 -23.08 -38.82
CA LYS C 300 -9.87 -23.78 -39.26
C LYS C 300 -10.99 -22.76 -39.53
N GLU C 301 -10.72 -21.52 -39.12
CA GLU C 301 -11.60 -20.36 -39.30
C GLU C 301 -11.47 -19.43 -38.09
N ALA C 302 -11.72 -18.14 -38.32
CA ALA C 302 -11.64 -17.09 -37.30
C ALA C 302 -12.13 -17.53 -35.93
N VAL C 303 -11.25 -17.41 -34.93
CA VAL C 303 -11.55 -17.79 -33.56
C VAL C 303 -12.97 -17.54 -33.07
N LEU C 304 -13.28 -16.26 -32.85
CA LEU C 304 -14.59 -15.81 -32.38
C LEU C 304 -15.79 -16.46 -33.08
N ASP C 305 -15.82 -16.38 -34.41
CA ASP C 305 -16.90 -16.93 -35.24
C ASP C 305 -17.28 -18.39 -34.95
N VAL C 306 -16.40 -19.13 -34.26
CA VAL C 306 -16.69 -20.50 -33.90
C VAL C 306 -18.04 -20.59 -33.17
N ILE C 307 -18.85 -21.60 -33.53
CA ILE C 307 -20.15 -21.80 -32.89
C ILE C 307 -19.99 -22.67 -31.65
N PRO C 308 -20.49 -22.16 -30.52
CA PRO C 308 -20.43 -22.84 -29.23
C PRO C 308 -21.32 -24.07 -29.18
N THR C 309 -20.86 -25.10 -28.48
CA THR C 309 -21.63 -26.31 -28.33
C THR C 309 -21.59 -26.72 -26.85
N ASP C 310 -20.83 -25.97 -26.05
CA ASP C 310 -20.71 -26.21 -24.62
C ASP C 310 -19.58 -25.37 -24.02
N ILE C 311 -19.69 -25.07 -22.73
CA ILE C 311 -18.68 -24.22 -22.07
C ILE C 311 -17.19 -24.48 -22.33
N HIS C 312 -16.56 -25.32 -21.51
CA HIS C 312 -15.11 -25.62 -21.61
C HIS C 312 -14.54 -25.98 -23.00
N GLN C 313 -15.31 -25.72 -24.06
CA GLN C 313 -14.92 -26.00 -25.43
C GLN C 313 -13.58 -25.38 -25.86
N ARG C 314 -12.55 -26.22 -25.96
CA ARG C 314 -11.19 -25.80 -26.33
C ARG C 314 -11.06 -25.29 -27.77
N ALA C 315 -9.85 -25.33 -28.32
CA ALA C 315 -9.62 -24.88 -29.69
C ALA C 315 -8.15 -24.65 -30.03
N PRO C 316 -7.79 -24.68 -31.34
CA PRO C 316 -6.42 -24.46 -31.82
C PRO C 316 -6.35 -22.95 -32.01
N VAL C 317 -5.34 -22.31 -31.45
CA VAL C 317 -5.28 -20.87 -31.56
C VAL C 317 -3.95 -20.27 -32.00
N ILE C 318 -4.00 -19.52 -33.09
CA ILE C 318 -2.82 -18.83 -33.59
C ILE C 318 -3.22 -17.38 -33.56
N LEU C 319 -2.35 -16.53 -33.03
CA LEU C 319 -2.66 -15.10 -32.97
C LEU C 319 -1.45 -14.21 -32.94
N GLY C 320 -1.70 -12.91 -32.97
CA GLY C 320 -0.63 -11.95 -32.93
C GLY C 320 -0.65 -10.89 -34.01
N SER C 321 0.54 -10.64 -34.56
CA SER C 321 0.75 -9.65 -35.61
C SER C 321 0.23 -10.20 -36.93
N PRO C 322 -0.42 -9.35 -37.74
CA PRO C 322 -0.97 -9.75 -39.03
C PRO C 322 0.01 -10.65 -39.77
N ASP C 323 1.02 -10.02 -40.35
CA ASP C 323 2.05 -10.69 -41.12
C ASP C 323 2.44 -12.08 -40.63
N ASP C 324 2.63 -12.24 -39.33
CA ASP C 324 3.01 -13.55 -38.80
C ASP C 324 1.81 -14.45 -38.61
N VAL C 325 0.69 -13.88 -38.22
CA VAL C 325 -0.47 -14.72 -38.05
C VAL C 325 -0.76 -15.14 -39.48
N LEU C 326 -0.47 -14.21 -40.40
CA LEU C 326 -0.69 -14.42 -41.83
C LEU C 326 0.25 -15.43 -42.49
N GLU C 327 1.51 -15.41 -42.12
CA GLU C 327 2.45 -16.37 -42.69
C GLU C 327 1.82 -17.73 -42.47
N PHE C 328 1.82 -18.16 -41.22
CA PHE C 328 1.25 -19.44 -40.85
C PHE C 328 0.15 -19.93 -41.81
N LEU C 329 -0.74 -19.04 -42.24
CA LEU C 329 -1.84 -19.48 -43.11
C LEU C 329 -1.48 -20.07 -44.48
N LYS C 330 -0.70 -19.37 -45.31
CA LYS C 330 -0.33 -19.94 -46.63
C LYS C 330 0.28 -21.32 -46.39
N VAL C 331 1.01 -21.43 -45.28
CA VAL C 331 1.67 -22.66 -44.87
C VAL C 331 0.68 -23.61 -44.22
N TYR C 332 -0.53 -23.14 -43.94
CA TYR C 332 -1.50 -24.03 -43.34
C TYR C 332 -2.30 -24.67 -44.45
N GLU C 333 -2.59 -23.92 -45.50
CA GLU C 333 -3.35 -24.49 -46.60
C GLU C 333 -2.42 -25.32 -47.50
N LYS C 334 -1.20 -25.53 -47.04
CA LYS C 334 -0.19 -26.27 -47.78
C LYS C 334 -0.22 -27.78 -47.41
N HIS C 335 -0.08 -28.09 -46.13
CA HIS C 335 -0.12 -29.47 -45.63
C HIS C 335 -1.54 -30.02 -45.79
N SER C 336 -2.35 -29.32 -46.59
CA SER C 336 -3.73 -29.73 -46.81
C SER C 336 -4.07 -29.97 -48.29
N ALA C 337 -5.17 -30.47 -48.57
N ASP D 10 6.53 -21.46 13.78
CA ASP D 10 6.53 -20.13 14.46
C ASP D 10 6.29 -19.01 13.43
N VAL D 11 7.23 -18.05 13.35
CA VAL D 11 7.11 -16.93 12.42
C VAL D 11 8.42 -16.17 12.29
N ASN D 12 8.87 -15.93 11.06
CA ASN D 12 10.13 -15.21 10.87
C ASN D 12 10.12 -14.20 9.74
N THR D 13 10.98 -13.20 9.87
CA THR D 13 11.12 -12.16 8.86
C THR D 13 12.50 -12.39 8.26
N LEU D 14 12.91 -11.53 7.34
CA LEU D 14 14.22 -11.62 6.75
C LEU D 14 15.15 -10.87 7.65
N THR D 15 14.73 -9.66 7.99
CA THR D 15 15.54 -8.80 8.82
C THR D 15 15.82 -9.32 10.22
N ARG D 16 15.07 -10.30 10.71
CA ARG D 16 15.38 -10.79 12.04
C ARG D 16 16.05 -12.14 11.93
N PHE D 17 15.96 -12.74 10.76
CA PHE D 17 16.62 -14.02 10.53
C PHE D 17 18.08 -13.68 10.34
N VAL D 18 18.32 -12.54 9.70
CA VAL D 18 19.66 -12.00 9.43
C VAL D 18 20.31 -11.78 10.76
N MET D 19 19.48 -11.35 11.70
CA MET D 19 19.91 -11.05 13.03
C MET D 19 20.23 -12.30 13.84
N GLU D 20 19.39 -13.32 13.72
CA GLU D 20 19.62 -14.56 14.46
C GLU D 20 20.86 -15.30 14.00
N GLU D 21 21.15 -15.23 12.70
CA GLU D 21 22.36 -15.87 12.21
C GLU D 21 23.44 -14.98 12.81
N GLY D 22 23.44 -13.73 12.38
CA GLY D 22 24.41 -12.76 12.87
C GLY D 22 24.78 -13.01 14.32
N ARG D 23 23.79 -13.26 15.17
CA ARG D 23 24.08 -13.51 16.59
C ARG D 23 24.88 -14.81 16.74
N LYS D 24 24.22 -15.92 16.42
CA LYS D 24 24.83 -17.24 16.52
C LYS D 24 26.27 -17.27 16.00
N ALA D 25 26.58 -16.42 15.02
CA ALA D 25 27.92 -16.38 14.44
C ALA D 25 28.93 -15.54 15.23
N ARG D 26 28.46 -14.78 16.21
CA ARG D 26 29.38 -13.94 16.98
C ARG D 26 30.34 -13.23 16.04
N GLY D 27 29.75 -12.45 15.14
CA GLY D 27 30.53 -11.74 14.16
C GLY D 27 31.09 -10.39 14.55
N THR D 28 31.11 -9.50 13.57
CA THR D 28 31.63 -8.14 13.70
C THR D 28 30.50 -7.09 13.57
N GLY D 29 29.48 -7.40 12.77
CA GLY D 29 28.36 -6.48 12.58
C GLY D 29 28.32 -5.73 11.26
N GLU D 30 29.12 -6.16 10.30
CA GLU D 30 29.14 -5.49 9.02
C GLU D 30 28.27 -6.19 8.00
N LEU D 31 28.10 -7.50 8.16
CA LEU D 31 27.25 -8.23 7.23
C LEU D 31 25.80 -7.88 7.51
N THR D 32 25.31 -8.24 8.70
CA THR D 32 23.93 -7.96 9.08
C THR D 32 23.46 -6.57 8.71
N GLN D 33 24.33 -5.58 8.87
CA GLN D 33 23.97 -4.21 8.51
C GLN D 33 23.87 -4.19 6.98
N LEU D 34 24.86 -4.80 6.35
CA LEU D 34 24.96 -4.87 4.91
C LEU D 34 23.64 -5.37 4.31
N LEU D 35 23.31 -6.62 4.56
CA LEU D 35 22.08 -7.15 4.00
C LEU D 35 20.84 -6.37 4.42
N ASN D 36 20.96 -5.52 5.42
CA ASN D 36 19.80 -4.74 5.83
C ASN D 36 19.65 -3.50 4.97
N SER D 37 20.73 -3.10 4.32
CA SER D 37 20.69 -1.92 3.47
C SER D 37 20.18 -2.29 2.08
N LEU D 38 20.34 -3.57 1.73
CA LEU D 38 19.91 -4.13 0.45
C LEU D 38 18.40 -4.35 0.54
N CYS D 39 18.02 -5.13 1.52
CA CYS D 39 16.62 -5.45 1.81
C CYS D 39 15.82 -4.17 1.58
N THR D 40 16.23 -3.12 2.28
CA THR D 40 15.59 -1.82 2.22
C THR D 40 15.45 -1.33 0.77
N ALA D 41 16.58 -1.19 0.09
CA ALA D 41 16.57 -0.72 -1.27
C ALA D 41 15.65 -1.58 -2.14
N VAL D 42 15.69 -2.89 -1.96
CA VAL D 42 14.80 -3.71 -2.76
C VAL D 42 13.38 -3.26 -2.47
N LYS D 43 13.00 -3.29 -1.20
CA LYS D 43 11.66 -2.89 -0.77
C LYS D 43 11.19 -1.56 -1.35
N ALA D 44 12.12 -0.64 -1.57
CA ALA D 44 11.79 0.68 -2.10
C ALA D 44 11.71 0.60 -3.62
N ILE D 45 12.24 -0.48 -4.15
CA ILE D 45 12.24 -0.71 -5.59
C ILE D 45 10.87 -1.21 -6.07
N SER D 46 10.45 -2.35 -5.54
CA SER D 46 9.17 -2.92 -5.94
C SER D 46 8.15 -1.82 -6.20
N SER D 47 8.00 -0.90 -5.25
CA SER D 47 7.04 0.18 -5.39
C SER D 47 7.15 0.85 -6.74
N ALA D 48 8.36 0.92 -7.28
CA ALA D 48 8.56 1.55 -8.59
C ALA D 48 8.19 0.58 -9.71
N VAL D 49 8.67 -0.66 -9.61
CA VAL D 49 8.35 -1.67 -10.62
C VAL D 49 6.85 -1.70 -10.85
N ARG D 50 6.12 -1.70 -9.74
CA ARG D 50 4.67 -1.74 -9.78
C ARG D 50 4.08 -0.35 -9.99
N LYS D 51 4.85 0.52 -10.64
CA LYS D 51 4.39 1.86 -10.94
C LYS D 51 3.76 2.57 -9.75
N ALA D 52 4.57 2.87 -8.75
CA ALA D 52 4.08 3.55 -7.57
C ALA D 52 3.52 4.87 -8.02
N GLY D 53 4.31 5.93 -7.84
CA GLY D 53 3.84 7.25 -8.23
C GLY D 53 3.55 7.38 -9.71
N ILE D 54 2.97 6.34 -10.31
CA ILE D 54 2.69 6.34 -11.74
C ILE D 54 1.75 7.39 -12.28
N ALA D 55 0.51 7.44 -11.82
CA ALA D 55 -0.44 8.43 -12.34
C ALA D 55 -0.01 9.86 -12.01
N HIS D 56 0.67 10.02 -10.89
CA HIS D 56 1.12 11.32 -10.50
C HIS D 56 1.90 11.87 -11.67
N LEU D 57 2.46 10.98 -12.48
CA LEU D 57 3.22 11.35 -13.67
C LEU D 57 2.30 11.86 -14.78
N TYR D 58 1.10 11.31 -14.83
CA TYR D 58 0.12 11.72 -15.80
C TYR D 58 -0.64 12.86 -15.16
N GLY D 59 0.15 13.78 -14.61
CA GLY D 59 -0.35 14.97 -13.95
C GLY D 59 -1.60 14.94 -13.10
N ILE D 60 -2.06 13.76 -12.67
CA ILE D 60 -3.28 13.70 -11.84
C ILE D 60 -3.28 14.78 -10.77
N ALA D 61 -2.09 15.32 -10.49
CA ALA D 61 -1.95 16.39 -9.52
C ALA D 61 -1.48 17.64 -10.27
N GLY D 62 -0.79 17.44 -11.39
CA GLY D 62 -0.34 18.58 -12.18
C GLY D 62 0.85 18.48 -13.16
N SER D 63 1.39 17.28 -13.39
CA SER D 63 2.54 17.13 -14.32
C SER D 63 2.24 16.09 -15.40
N LYS D 73 13.96 4.72 -17.39
CA LYS D 73 14.43 5.62 -16.34
C LYS D 73 14.47 4.85 -15.02
N LEU D 74 14.26 3.53 -15.14
CA LEU D 74 14.24 2.63 -14.00
C LEU D 74 15.47 1.73 -13.92
N ASP D 75 16.17 1.54 -15.05
CA ASP D 75 17.37 0.70 -15.03
C ASP D 75 18.17 1.40 -13.94
N VAL D 76 18.26 2.72 -14.10
CA VAL D 76 18.98 3.59 -13.18
C VAL D 76 18.47 3.58 -11.76
N LEU D 77 17.45 4.39 -11.47
CA LEU D 77 16.89 4.49 -10.13
C LEU D 77 17.17 3.27 -9.26
N SER D 78 16.75 2.10 -9.73
CA SER D 78 17.01 0.88 -8.99
C SER D 78 18.49 0.95 -8.64
N ASN D 79 19.31 0.76 -9.66
CA ASN D 79 20.75 0.83 -9.53
C ASN D 79 21.06 1.87 -8.48
N ASP D 80 20.77 3.12 -8.82
CA ASP D 80 21.00 4.25 -7.93
C ASP D 80 20.68 3.88 -6.49
N LEU D 81 19.59 3.13 -6.28
CA LEU D 81 19.20 2.71 -4.93
C LEU D 81 20.18 1.69 -4.36
N VAL D 82 20.11 0.45 -4.85
CA VAL D 82 21.01 -0.59 -4.37
C VAL D 82 22.34 0.07 -4.16
N MET D 83 22.65 0.99 -5.07
CA MET D 83 23.88 1.73 -5.00
C MET D 83 23.85 2.49 -3.69
N ASN D 84 23.70 3.80 -3.79
CA ASN D 84 23.68 4.68 -2.61
C ASN D 84 23.44 3.95 -1.30
N MET D 85 22.27 3.36 -1.15
CA MET D 85 21.99 2.67 0.08
C MET D 85 23.13 1.72 0.44
N LEU D 86 23.90 1.31 -0.58
CA LEU D 86 25.02 0.39 -0.37
C LEU D 86 26.30 1.05 0.10
N LYS D 87 26.52 2.30 -0.30
CA LYS D 87 27.71 3.02 0.18
C LYS D 87 27.39 3.29 1.64
N SER D 88 26.16 3.73 1.83
CA SER D 88 25.62 4.09 3.13
C SER D 88 25.47 2.93 4.14
N SER D 89 25.69 1.69 3.72
CA SER D 89 25.55 0.58 4.65
C SER D 89 26.76 0.43 5.56
N PHE D 90 27.71 1.35 5.43
CA PHE D 90 28.91 1.34 6.24
C PHE D 90 29.57 0.00 6.35
N ALA D 91 29.88 -0.58 5.19
CA ALA D 91 30.53 -1.89 5.13
C ALA D 91 30.91 -2.22 3.68
N THR D 92 31.27 -1.20 2.91
CA THR D 92 31.65 -1.43 1.52
C THR D 92 32.80 -0.57 1.06
N CYS D 93 33.57 -1.11 0.12
CA CYS D 93 34.72 -0.43 -0.46
C CYS D 93 34.64 -0.43 -2.00
N VAL D 94 34.10 -1.50 -2.59
CA VAL D 94 33.97 -1.54 -4.03
C VAL D 94 32.65 -2.14 -4.47
N LEU D 95 32.02 -1.48 -5.42
CA LEU D 95 30.73 -1.92 -5.95
C LEU D 95 30.78 -2.07 -7.46
N VAL D 96 30.02 -3.02 -8.01
CA VAL D 96 30.02 -3.17 -9.45
C VAL D 96 28.66 -3.59 -9.97
N SER D 97 28.25 -2.99 -11.07
CA SER D 97 26.94 -3.26 -11.63
C SER D 97 26.88 -3.21 -13.13
N GLU D 98 25.79 -3.78 -13.64
CA GLU D 98 25.48 -3.81 -15.06
C GLU D 98 25.00 -2.43 -15.43
N GLU D 99 25.20 -1.51 -14.49
CA GLU D 99 24.80 -0.14 -14.70
C GLU D 99 25.85 0.88 -14.28
N ASP D 100 27.12 0.47 -14.24
CA ASP D 100 28.20 1.38 -13.90
C ASP D 100 29.51 0.87 -14.46
N LYS D 101 29.87 1.39 -15.63
CA LYS D 101 31.07 0.98 -16.35
C LYS D 101 32.22 0.53 -15.49
N HIS D 102 32.98 1.48 -14.94
CA HIS D 102 34.09 1.08 -14.10
C HIS D 102 33.67 0.81 -12.69
N ALA D 103 34.58 0.22 -11.92
CA ALA D 103 34.31 -0.07 -10.54
C ALA D 103 34.08 1.25 -9.81
N ILE D 104 33.08 1.24 -8.93
CA ILE D 104 32.71 2.39 -8.12
C ILE D 104 33.34 2.21 -6.74
N ILE D 105 34.30 3.07 -6.44
CA ILE D 105 35.00 2.97 -5.18
C ILE D 105 34.35 3.82 -4.11
N VAL D 106 34.10 3.20 -2.95
CA VAL D 106 33.46 3.90 -1.84
C VAL D 106 34.44 4.95 -1.29
N GLU D 107 33.90 5.86 -0.48
CA GLU D 107 34.69 6.92 0.11
C GLU D 107 35.27 6.43 1.45
N PRO D 108 36.47 6.91 1.79
CA PRO D 108 37.29 6.63 2.98
C PRO D 108 36.53 6.35 4.25
N GLU D 109 35.68 7.30 4.61
CA GLU D 109 34.86 7.21 5.81
C GLU D 109 34.06 5.91 5.85
N LYS D 110 32.98 5.94 5.09
CA LYS D 110 32.03 4.85 4.95
C LYS D 110 32.59 3.44 4.71
N ARG D 111 33.60 3.33 3.84
CA ARG D 111 34.21 2.02 3.50
C ARG D 111 34.18 0.89 4.51
N GLY D 112 33.79 -0.30 4.01
CA GLY D 112 33.71 -1.48 4.85
C GLY D 112 34.00 -2.83 4.16
N LYS D 113 34.79 -3.64 4.85
CA LYS D 113 35.23 -4.96 4.41
C LYS D 113 34.35 -5.89 3.56
N TYR D 114 33.45 -5.38 2.71
CA TYR D 114 32.62 -6.29 1.91
C TYR D 114 32.40 -5.81 0.49
N VAL D 115 33.09 -6.42 -0.46
CA VAL D 115 32.90 -6.04 -1.85
C VAL D 115 31.55 -6.62 -2.19
N VAL D 116 30.81 -6.00 -3.09
CA VAL D 116 29.52 -6.57 -3.47
C VAL D 116 29.37 -6.27 -4.92
N CYS D 117 28.74 -7.19 -5.63
CA CYS D 117 28.50 -7.03 -7.05
C CYS D 117 27.02 -7.26 -7.17
N PHE D 118 26.41 -6.77 -8.23
CA PHE D 118 24.98 -6.97 -8.34
C PHE D 118 24.42 -6.45 -9.63
N ASP D 119 23.28 -6.99 -10.04
CA ASP D 119 22.60 -6.50 -11.24
C ASP D 119 21.46 -5.75 -10.56
N PRO D 120 21.41 -4.43 -10.73
CA PRO D 120 20.37 -3.58 -10.14
C PRO D 120 18.96 -4.01 -10.53
N LEU D 121 18.84 -4.78 -11.62
CA LEU D 121 17.55 -5.22 -12.14
C LEU D 121 17.63 -5.94 -13.50
N ASP D 122 17.56 -7.28 -13.51
CA ASP D 122 17.63 -8.01 -14.78
C ASP D 122 16.24 -8.31 -15.32
N GLY D 123 15.93 -7.66 -16.44
CA GLY D 123 14.66 -7.79 -17.10
C GLY D 123 14.36 -6.43 -17.70
N SER D 124 14.99 -5.41 -17.10
CA SER D 124 14.85 -4.01 -17.49
C SER D 124 14.24 -3.75 -18.85
N SER D 125 14.95 -4.15 -19.88
CA SER D 125 14.52 -3.95 -21.28
C SER D 125 13.02 -4.17 -21.59
N ASN D 126 12.65 -5.44 -21.80
CA ASN D 126 11.28 -5.84 -22.13
C ASN D 126 10.31 -5.74 -20.94
N ILE D 127 10.43 -4.66 -20.18
CA ILE D 127 9.56 -4.44 -19.03
C ILE D 127 8.24 -3.88 -19.54
N ASP D 128 8.24 -3.45 -20.80
CA ASP D 128 7.07 -2.89 -21.44
C ASP D 128 5.97 -3.97 -21.54
N CYS D 129 6.36 -5.22 -21.32
CA CYS D 129 5.41 -6.32 -21.33
C CYS D 129 5.11 -6.56 -19.85
N LEU D 130 5.66 -5.67 -19.02
CA LEU D 130 5.49 -5.73 -17.57
C LEU D 130 5.88 -7.12 -17.12
N VAL D 131 7.07 -7.54 -17.56
CA VAL D 131 7.60 -8.87 -17.27
C VAL D 131 8.23 -9.01 -15.88
N SER D 132 8.32 -10.25 -15.41
CA SER D 132 8.90 -10.57 -14.11
C SER D 132 10.38 -10.22 -14.13
N VAL D 133 10.80 -9.37 -13.20
CA VAL D 133 12.22 -8.98 -13.14
C VAL D 133 12.77 -9.12 -11.74
N GLY D 134 13.99 -8.64 -11.54
CA GLY D 134 14.56 -8.77 -10.22
C GLY D 134 15.79 -7.97 -9.87
N THR D 135 16.68 -8.64 -9.16
CA THR D 135 17.91 -8.03 -8.70
C THR D 135 18.76 -9.18 -8.19
N ILE D 136 20.01 -9.17 -8.61
CA ILE D 136 20.96 -10.22 -8.24
C ILE D 136 22.01 -9.54 -7.39
N PHE D 137 22.90 -10.32 -6.76
CA PHE D 137 23.96 -9.73 -5.96
C PHE D 137 24.99 -10.69 -5.38
N GLY D 138 26.25 -10.41 -5.72
CA GLY D 138 27.36 -11.23 -5.27
C GLY D 138 28.19 -10.55 -4.18
N ILE D 139 28.09 -11.10 -2.99
CA ILE D 139 28.78 -10.54 -1.85
C ILE D 139 30.13 -11.19 -1.58
N TYR D 140 31.19 -10.53 -2.05
CA TYR D 140 32.56 -11.00 -1.87
C TYR D 140 33.25 -10.26 -0.73
N ARG D 141 34.01 -11.00 0.08
CA ARG D 141 34.76 -10.37 1.16
C ARG D 141 36.14 -10.05 0.58
N LYS D 142 36.61 -8.82 0.76
CA LYS D 142 37.91 -8.40 0.22
C LYS D 142 39.04 -9.13 0.94
N LYS D 143 39.88 -9.80 0.15
CA LYS D 143 41.00 -10.58 0.65
C LYS D 143 42.37 -9.86 0.77
N SER D 144 42.92 -9.42 -0.35
CA SER D 144 44.23 -8.75 -0.36
C SER D 144 44.24 -7.51 0.53
N THR D 145 45.05 -6.51 0.20
CA THR D 145 45.10 -5.31 1.03
C THR D 145 45.82 -4.07 0.44
N ASP D 146 45.03 -3.11 -0.02
CA ASP D 146 45.53 -1.88 -0.62
C ASP D 146 44.37 -0.89 -0.69
N GLU D 147 44.52 0.14 -1.51
CA GLU D 147 43.43 1.12 -1.66
C GLU D 147 42.45 0.41 -2.59
N PRO D 148 41.28 0.02 -2.07
CA PRO D 148 40.22 -0.68 -2.79
C PRO D 148 39.97 -0.29 -4.24
N SER D 149 40.16 -1.28 -5.11
CA SER D 149 39.99 -1.16 -6.56
C SER D 149 39.36 -2.44 -7.10
N GLU D 150 38.82 -2.37 -8.31
CA GLU D 150 38.17 -3.54 -8.89
C GLU D 150 38.85 -4.88 -8.75
N LYS D 151 40.17 -4.84 -8.65
CA LYS D 151 41.00 -6.04 -8.51
C LYS D 151 40.30 -7.00 -7.58
N ASP D 152 39.86 -6.49 -6.43
CA ASP D 152 39.18 -7.35 -5.52
C ASP D 152 37.85 -7.81 -6.11
N ALA D 153 37.13 -6.89 -6.74
CA ALA D 153 35.85 -7.22 -7.37
C ALA D 153 36.11 -8.39 -8.32
N LEU D 154 37.35 -8.50 -8.75
CA LEU D 154 37.77 -9.57 -9.62
C LEU D 154 37.93 -10.80 -8.78
N GLN D 155 36.83 -11.52 -8.60
CA GLN D 155 36.84 -12.74 -7.81
C GLN D 155 35.87 -13.76 -8.33
N PRO D 156 36.18 -15.05 -8.12
CA PRO D 156 35.31 -16.12 -8.58
C PRO D 156 34.15 -16.37 -7.61
N GLY D 157 33.08 -16.94 -8.14
CA GLY D 157 31.91 -17.22 -7.35
C GLY D 157 32.11 -17.99 -6.06
N ARG D 158 33.08 -18.90 -5.99
CA ARG D 158 33.29 -19.70 -4.77
C ARG D 158 33.89 -18.99 -3.56
N ASN D 159 34.53 -17.85 -3.77
CA ASN D 159 35.13 -17.11 -2.65
C ASN D 159 34.05 -16.35 -1.87
N LEU D 160 32.82 -16.35 -2.41
CA LEU D 160 31.67 -15.67 -1.82
C LEU D 160 31.19 -16.18 -0.46
N VAL D 161 30.46 -15.32 0.26
CA VAL D 161 29.92 -15.68 1.56
C VAL D 161 28.44 -15.35 1.61
N ALA D 162 27.92 -14.92 0.47
CA ALA D 162 26.51 -14.60 0.37
C ALA D 162 26.22 -14.08 -1.03
N ALA D 163 25.03 -14.41 -1.53
CA ALA D 163 24.62 -13.97 -2.85
C ALA D 163 23.25 -14.55 -3.03
N GLY D 164 22.57 -14.14 -4.09
CA GLY D 164 21.24 -14.63 -4.32
C GLY D 164 20.40 -13.61 -5.04
N TYR D 165 19.16 -13.43 -4.61
CA TYR D 165 18.31 -12.48 -5.30
C TYR D 165 16.94 -12.27 -4.67
N ALA D 166 16.21 -11.36 -5.27
CA ALA D 166 14.86 -11.01 -4.88
C ALA D 166 14.13 -11.02 -6.20
N LEU D 167 12.84 -11.35 -6.20
CA LEU D 167 12.09 -11.42 -7.45
C LEU D 167 10.83 -10.58 -7.53
N TYR D 168 10.59 -10.02 -8.70
CA TYR D 168 9.40 -9.22 -8.98
C TYR D 168 8.54 -10.08 -9.91
N GLY D 169 7.36 -10.44 -9.44
CA GLY D 169 6.43 -11.25 -10.21
C GLY D 169 5.07 -11.16 -9.54
N SER D 170 4.27 -12.21 -9.63
CA SER D 170 2.96 -12.20 -8.98
C SER D 170 3.10 -11.42 -7.68
N ALA D 171 3.92 -11.95 -6.78
CA ALA D 171 4.15 -11.27 -5.52
C ALA D 171 5.64 -11.01 -5.45
N THR D 172 6.10 -10.45 -4.34
CA THR D 172 7.52 -10.15 -4.19
C THR D 172 8.22 -11.11 -3.24
N MET D 173 9.26 -11.79 -3.76
CA MET D 173 10.02 -12.75 -2.96
C MET D 173 11.50 -12.38 -3.01
N LEU D 174 12.22 -12.54 -1.91
CA LEU D 174 13.64 -12.24 -1.91
C LEU D 174 14.40 -13.43 -1.38
N VAL D 175 14.81 -14.32 -2.27
CA VAL D 175 15.56 -15.48 -1.81
C VAL D 175 16.95 -15.10 -1.35
N LEU D 176 17.40 -15.75 -0.29
CA LEU D 176 18.72 -15.50 0.23
C LEU D 176 19.39 -16.77 0.68
N ALA D 177 20.49 -17.11 0.01
CA ALA D 177 21.28 -18.31 0.30
C ALA D 177 22.69 -17.86 0.63
N MET D 178 23.25 -18.44 1.68
CA MET D 178 24.60 -18.13 2.15
C MET D 178 25.44 -19.39 2.26
N ASP D 179 25.75 -19.70 3.51
CA ASP D 179 26.53 -20.84 3.88
C ASP D 179 25.55 -21.87 4.45
N CYS D 180 24.61 -21.39 5.26
CA CYS D 180 23.59 -22.21 5.91
C CYS D 180 22.60 -22.82 4.95
N GLY D 181 22.13 -22.02 4.01
CA GLY D 181 21.18 -22.52 3.05
C GLY D 181 20.27 -21.48 2.41
N VAL D 182 19.47 -21.95 1.47
CA VAL D 182 18.54 -21.08 0.77
C VAL D 182 17.35 -20.84 1.69
N ASN D 183 16.66 -19.72 1.49
CA ASN D 183 15.50 -19.38 2.28
C ASN D 183 14.78 -18.30 1.51
N CYS D 184 13.45 -18.42 1.40
CA CYS D 184 12.65 -17.44 0.67
C CYS D 184 11.85 -16.57 1.63
N PHE D 185 11.81 -15.27 1.35
CA PHE D 185 11.07 -14.34 2.18
C PHE D 185 10.07 -13.54 1.34
N MET D 186 8.79 -13.75 1.61
CA MET D 186 7.73 -13.07 0.88
C MET D 186 7.66 -11.63 1.41
N LEU D 187 7.12 -10.74 0.59
CA LEU D 187 6.99 -9.34 0.98
C LEU D 187 5.52 -9.00 1.12
N ASP D 188 5.08 -8.80 2.36
CA ASP D 188 3.69 -8.43 2.64
C ASP D 188 3.53 -6.95 2.27
N PRO D 189 2.68 -6.66 1.27
CA PRO D 189 2.43 -5.29 0.79
C PRO D 189 1.73 -4.36 1.78
N ALA D 190 1.32 -4.92 2.93
CA ALA D 190 0.63 -4.16 3.97
C ALA D 190 1.55 -3.47 4.95
N ILE D 191 2.66 -4.12 5.32
CA ILE D 191 3.61 -3.53 6.26
C ILE D 191 4.99 -3.31 5.68
N GLY D 192 5.36 -4.11 4.69
CA GLY D 192 6.69 -3.96 4.10
C GLY D 192 7.79 -4.63 4.89
N GLU D 193 7.82 -5.96 4.82
CA GLU D 193 8.82 -6.79 5.47
C GLU D 193 8.78 -8.13 4.75
N PHE D 194 9.88 -8.88 4.77
CA PHE D 194 9.92 -10.18 4.09
C PHE D 194 9.73 -11.34 5.06
N ILE D 195 8.73 -12.16 4.82
CA ILE D 195 8.51 -13.26 5.72
C ILE D 195 8.97 -14.57 5.14
N LEU D 196 9.59 -15.41 5.96
CA LEU D 196 10.08 -16.69 5.48
C LEU D 196 8.97 -17.57 4.91
N VAL D 197 9.04 -17.87 3.61
CA VAL D 197 8.00 -18.67 2.95
C VAL D 197 8.35 -20.13 2.76
N ASP D 198 9.64 -20.42 2.72
CA ASP D 198 10.11 -21.79 2.56
C ASP D 198 11.60 -21.96 2.90
N LYS D 199 11.86 -22.74 3.96
CA LYS D 199 13.20 -23.01 4.48
C LYS D 199 14.18 -23.81 3.60
N ASP D 200 15.44 -23.83 4.06
CA ASP D 200 16.57 -24.54 3.44
C ASP D 200 16.23 -25.07 2.04
N VAL D 201 15.62 -24.22 1.23
CA VAL D 201 15.20 -24.58 -0.11
C VAL D 201 16.21 -25.44 -0.86
N LYS D 202 15.86 -26.70 -1.12
CA LYS D 202 16.74 -27.64 -1.85
C LYS D 202 16.47 -27.66 -3.35
N ILE D 203 16.12 -28.83 -3.89
CA ILE D 203 15.80 -28.95 -5.32
C ILE D 203 15.74 -30.38 -5.91
N LYS D 204 14.74 -30.58 -6.78
CA LYS D 204 14.51 -31.88 -7.43
C LYS D 204 15.75 -32.42 -8.15
N LYS D 205 16.13 -33.65 -7.81
CA LYS D 205 17.28 -34.31 -8.43
C LYS D 205 17.16 -34.12 -9.95
N LYS D 206 15.92 -34.14 -10.45
CA LYS D 206 15.60 -33.98 -11.87
C LYS D 206 14.28 -33.23 -12.05
N GLY D 207 14.05 -32.74 -13.27
CA GLY D 207 12.83 -32.01 -13.57
C GLY D 207 12.42 -32.30 -15.00
N LYS D 208 11.24 -31.82 -15.39
CA LYS D 208 10.74 -32.04 -16.76
C LYS D 208 10.69 -30.72 -17.48
N ILE D 209 11.46 -29.74 -17.00
CA ILE D 209 11.45 -28.41 -17.60
C ILE D 209 12.79 -27.82 -18.05
N TYR D 210 13.00 -27.68 -19.35
CA TYR D 210 14.24 -27.10 -19.83
C TYR D 210 13.91 -25.74 -20.39
N SER D 211 14.87 -24.81 -20.39
CA SER D 211 14.60 -23.48 -20.91
C SER D 211 15.79 -22.77 -21.57
N LEU D 212 15.48 -22.02 -22.62
CA LEU D 212 16.48 -21.24 -23.37
C LEU D 212 15.90 -20.52 -24.59
N ASN D 213 16.70 -19.63 -25.20
CA ASN D 213 16.31 -18.84 -26.38
C ASN D 213 16.21 -19.73 -27.62
N GLU D 214 15.09 -20.46 -27.71
CA GLU D 214 14.81 -21.41 -28.79
C GLU D 214 15.14 -21.07 -30.24
N GLY D 215 15.05 -19.79 -30.60
CA GLY D 215 15.30 -19.38 -31.97
C GLY D 215 16.75 -19.31 -32.41
N TYR D 216 17.64 -19.12 -31.47
CA TYR D 216 19.06 -19.04 -31.81
C TYR D 216 19.59 -20.44 -32.09
N ALA D 217 18.77 -21.28 -32.71
CA ALA D 217 19.19 -22.65 -33.04
C ALA D 217 20.05 -22.60 -34.30
N LYS D 218 20.25 -21.39 -34.83
CA LYS D 218 21.07 -21.15 -36.02
C LYS D 218 22.54 -21.26 -35.68
N ASP D 219 22.89 -20.91 -34.44
CA ASP D 219 24.26 -20.95 -33.93
C ASP D 219 24.36 -21.96 -32.77
N PHE D 220 23.71 -23.10 -32.89
CA PHE D 220 23.75 -24.06 -31.79
C PHE D 220 24.81 -25.13 -31.87
N ASP D 221 25.88 -24.93 -31.11
CA ASP D 221 26.97 -25.88 -31.09
C ASP D 221 26.39 -27.24 -30.72
N PRO D 222 26.64 -28.26 -31.56
CA PRO D 222 26.21 -29.65 -31.47
C PRO D 222 25.55 -30.08 -30.16
N ALA D 223 26.29 -30.07 -29.06
CA ALA D 223 25.72 -30.47 -27.78
C ALA D 223 24.31 -29.91 -27.66
N VAL D 224 24.22 -28.58 -27.60
CA VAL D 224 22.95 -27.88 -27.51
C VAL D 224 21.95 -28.52 -28.45
N THR D 225 21.89 -28.03 -29.69
CA THR D 225 20.94 -28.55 -30.68
C THR D 225 20.68 -30.01 -30.43
N GLU D 226 21.70 -30.73 -29.99
CA GLU D 226 21.48 -32.13 -29.70
C GLU D 226 20.66 -32.27 -28.46
N TYR D 227 21.25 -31.93 -27.32
CA TYR D 227 20.56 -32.03 -26.04
C TYR D 227 19.08 -31.69 -26.25
N ILE D 228 18.85 -30.65 -27.05
CA ILE D 228 17.50 -30.22 -27.37
C ILE D 228 16.67 -31.43 -27.86
N GLN D 229 17.08 -32.00 -28.99
CA GLN D 229 16.40 -33.13 -29.56
C GLN D 229 16.60 -34.39 -28.73
N ARG D 230 17.06 -34.22 -27.51
CA ARG D 230 17.25 -35.36 -26.61
C ARG D 230 16.08 -35.30 -25.66
N LYS D 231 15.39 -34.16 -25.73
CA LYS D 231 14.22 -33.90 -24.91
C LYS D 231 12.99 -33.89 -25.79
N LYS D 232 12.93 -32.97 -26.74
CA LYS D 232 11.78 -32.92 -27.62
C LYS D 232 11.34 -34.36 -27.95
N PHE D 233 12.31 -35.23 -28.21
CA PHE D 233 12.03 -36.63 -28.53
C PHE D 233 13.00 -37.49 -27.75
N PRO D 234 12.62 -37.90 -26.54
CA PRO D 234 13.46 -38.74 -25.67
C PRO D 234 13.74 -40.14 -26.23
N PRO D 235 15.01 -40.56 -26.15
CA PRO D 235 15.48 -41.87 -26.62
C PRO D 235 14.84 -43.05 -25.89
N ASP D 236 14.45 -42.84 -24.63
CA ASP D 236 13.85 -43.89 -23.80
C ASP D 236 12.31 -43.85 -23.65
N ASN D 237 11.67 -43.03 -24.47
CA ASN D 237 10.21 -42.86 -24.46
C ASN D 237 9.72 -42.29 -23.12
N SER D 238 10.35 -41.20 -22.71
CA SER D 238 10.02 -40.51 -21.46
C SER D 238 9.07 -39.32 -21.77
N ALA D 239 8.38 -38.81 -20.76
CA ALA D 239 7.46 -37.69 -20.96
C ALA D 239 8.18 -36.39 -21.30
N PRO D 240 8.21 -36.03 -22.61
CA PRO D 240 8.86 -34.83 -23.15
C PRO D 240 8.78 -33.55 -22.29
N TYR D 241 9.95 -32.99 -21.98
CA TYR D 241 10.12 -31.78 -21.17
C TYR D 241 9.35 -30.55 -21.66
N GLY D 242 9.19 -29.57 -20.77
CA GLY D 242 8.49 -28.34 -21.11
C GLY D 242 9.47 -27.25 -21.51
N ALA D 243 9.12 -26.49 -22.55
CA ALA D 243 10.01 -25.43 -23.05
C ALA D 243 9.66 -24.04 -22.60
N ARG D 244 9.50 -23.88 -21.29
CA ARG D 244 9.15 -22.59 -20.71
C ARG D 244 10.33 -21.60 -20.71
N TYR D 245 10.42 -20.76 -21.74
CA TYR D 245 11.49 -19.75 -21.80
C TYR D 245 10.89 -18.37 -21.57
N VAL D 246 11.28 -17.75 -20.46
CA VAL D 246 10.79 -16.44 -20.11
C VAL D 246 11.72 -15.39 -20.63
N GLY D 247 13.01 -15.69 -20.56
CA GLY D 247 13.97 -14.72 -21.02
C GLY D 247 13.92 -13.48 -20.15
N SER D 248 14.79 -13.50 -19.14
CA SER D 248 14.97 -12.43 -18.16
C SER D 248 15.44 -13.13 -16.88
N MET D 249 16.66 -13.64 -16.94
CA MET D 249 17.28 -14.35 -15.83
C MET D 249 16.31 -14.65 -14.69
N VAL D 250 16.42 -13.85 -13.63
CA VAL D 250 15.58 -13.99 -12.45
C VAL D 250 14.43 -14.98 -12.61
N ALA D 251 13.29 -14.49 -13.08
CA ALA D 251 12.13 -15.35 -13.26
C ALA D 251 12.55 -16.73 -13.74
N ASP D 252 13.19 -16.79 -14.90
CA ASP D 252 13.66 -18.06 -15.45
C ASP D 252 14.26 -18.90 -14.31
N VAL D 253 15.46 -18.49 -13.89
CA VAL D 253 16.22 -19.15 -12.81
C VAL D 253 15.36 -19.63 -11.67
N HIS D 254 14.82 -18.67 -10.93
CA HIS D 254 13.98 -18.95 -9.79
C HIS D 254 13.04 -20.12 -10.05
N ARG D 255 12.25 -20.01 -11.12
CA ARG D 255 11.31 -21.08 -11.49
C ARG D 255 11.95 -22.42 -11.21
N THR D 256 13.05 -22.67 -11.91
CA THR D 256 13.81 -23.90 -11.80
C THR D 256 13.93 -24.40 -10.36
N LEU D 257 14.15 -23.48 -9.44
CA LEU D 257 14.36 -23.85 -8.04
C LEU D 257 13.10 -24.42 -7.39
N VAL D 258 11.94 -23.96 -7.84
CA VAL D 258 10.67 -24.41 -7.29
C VAL D 258 10.21 -25.76 -7.89
N TYR D 259 10.56 -26.02 -9.13
CA TYR D 259 10.17 -27.27 -9.79
C TYR D 259 11.40 -28.06 -10.20
N GLY D 260 12.28 -27.41 -10.95
CA GLY D 260 13.49 -28.06 -11.42
C GLY D 260 13.52 -27.97 -12.92
N GLY D 261 14.49 -28.63 -13.53
CA GLY D 261 14.59 -28.60 -14.96
C GLY D 261 15.99 -28.32 -15.47
N ILE D 262 16.12 -27.30 -16.31
CA ILE D 262 17.42 -26.95 -16.85
C ILE D 262 17.39 -25.59 -17.56
N PHE D 263 18.33 -24.74 -17.22
CA PHE D 263 18.42 -23.42 -17.82
C PHE D 263 19.75 -23.30 -18.55
N LEU D 264 19.74 -22.65 -19.70
CA LEU D 264 20.98 -22.49 -20.46
C LEU D 264 21.00 -21.23 -21.32
N TYR D 265 22.20 -20.67 -21.46
CA TYR D 265 22.45 -19.52 -22.34
C TYR D 265 23.83 -19.92 -22.74
N PRO D 266 23.92 -20.72 -23.80
CA PRO D 266 25.06 -21.32 -24.48
C PRO D 266 26.02 -20.46 -25.32
N ALA D 267 27.05 -21.15 -25.83
CA ALA D 267 28.10 -20.57 -26.65
C ALA D 267 27.83 -20.72 -28.14
N ASN D 268 28.66 -20.07 -28.97
CA ASN D 268 28.49 -20.09 -30.43
C ASN D 268 29.31 -19.02 -31.18
N LYS D 269 28.63 -18.29 -32.07
CA LYS D 269 29.25 -17.20 -32.84
C LYS D 269 29.09 -15.92 -32.01
N LYS D 270 28.26 -16.00 -30.98
CA LYS D 270 28.04 -14.86 -30.09
C LYS D 270 29.32 -14.50 -29.36
N SER D 271 29.96 -15.54 -28.81
CA SER D 271 31.21 -15.42 -28.05
C SER D 271 31.37 -16.80 -27.44
N PRO D 272 32.58 -17.33 -27.39
CA PRO D 272 32.66 -18.67 -26.78
C PRO D 272 32.29 -18.59 -25.29
N ASN D 273 31.61 -17.50 -24.92
CA ASN D 273 31.22 -17.27 -23.53
C ASN D 273 29.87 -16.57 -23.31
N GLY D 274 28.78 -17.35 -23.24
CA GLY D 274 27.43 -16.82 -23.03
C GLY D 274 27.17 -15.36 -23.33
N LYS D 275 26.14 -14.76 -22.72
CA LYS D 275 25.88 -13.33 -22.95
C LYS D 275 25.49 -12.62 -21.66
N LEU D 276 25.64 -13.35 -20.57
CA LEU D 276 25.32 -12.82 -19.24
C LEU D 276 26.64 -12.56 -18.50
N ARG D 277 26.87 -11.35 -18.03
CA ARG D 277 28.11 -11.09 -17.32
C ARG D 277 28.28 -12.18 -16.27
N LEU D 278 29.51 -12.34 -15.77
CA LEU D 278 29.78 -13.40 -14.81
C LEU D 278 29.83 -13.02 -13.33
N LEU D 279 30.38 -11.86 -13.02
CA LEU D 279 30.52 -11.42 -11.64
C LEU D 279 29.22 -11.20 -10.88
N TYR D 280 28.14 -10.90 -11.58
CA TYR D 280 26.87 -10.60 -10.92
C TYR D 280 25.61 -11.11 -11.62
N GLU D 281 25.70 -12.24 -12.30
CA GLU D 281 24.55 -12.75 -13.01
C GLU D 281 24.60 -14.26 -13.13
N CYS D 282 25.78 -14.82 -12.89
CA CYS D 282 26.00 -16.25 -12.98
C CYS D 282 26.74 -16.67 -11.72
N ASN D 283 27.58 -15.76 -11.24
CA ASN D 283 28.34 -16.01 -10.03
C ASN D 283 27.36 -16.21 -8.87
N PRO D 284 26.43 -15.27 -8.70
CA PRO D 284 25.50 -15.46 -7.59
C PRO D 284 24.61 -16.65 -7.89
N MET D 285 23.75 -16.48 -8.88
CA MET D 285 22.82 -17.53 -9.27
C MET D 285 23.43 -18.91 -9.14
N ALA D 286 24.69 -19.05 -9.54
CA ALA D 286 25.34 -20.34 -9.42
C ALA D 286 25.33 -20.72 -7.93
N TYR D 287 25.95 -19.84 -7.12
CA TYR D 287 26.07 -20.02 -5.67
C TYR D 287 24.74 -20.32 -5.03
N VAL D 288 23.70 -20.36 -5.83
CA VAL D 288 22.40 -20.69 -5.30
C VAL D 288 22.04 -22.07 -5.82
N MET D 289 22.05 -22.26 -7.14
CA MET D 289 21.73 -23.57 -7.68
C MET D 289 22.53 -24.62 -6.98
N GLU D 290 23.74 -24.22 -6.56
CA GLU D 290 24.64 -25.15 -5.89
C GLU D 290 24.26 -25.37 -4.42
N LYS D 291 24.08 -24.30 -3.67
CA LYS D 291 23.70 -24.42 -2.26
C LYS D 291 22.32 -25.05 -2.07
N ALA D 292 21.62 -25.29 -3.18
CA ALA D 292 20.28 -25.88 -3.12
C ALA D 292 20.32 -27.39 -3.43
N GLY D 293 21.42 -27.84 -4.00
CA GLY D 293 21.57 -29.25 -4.34
C GLY D 293 21.67 -29.49 -5.83
N GLY D 294 21.85 -28.42 -6.59
CA GLY D 294 21.95 -28.54 -8.03
C GLY D 294 23.35 -28.38 -8.57
N MET D 295 23.43 -27.93 -9.83
CA MET D 295 24.72 -27.74 -10.49
C MET D 295 24.77 -26.62 -11.52
N ALA D 296 25.94 -26.02 -11.65
CA ALA D 296 26.17 -24.93 -12.58
C ALA D 296 27.41 -25.23 -13.41
N THR D 297 27.42 -24.77 -14.66
CA THR D 297 28.56 -24.99 -15.55
C THR D 297 28.65 -24.09 -16.76
N THR D 298 29.85 -24.00 -17.32
CA THR D 298 30.13 -23.18 -18.51
C THR D 298 30.13 -24.10 -19.71
N GLY D 299 30.13 -25.39 -19.44
CA GLY D 299 30.13 -26.37 -20.50
C GLY D 299 31.45 -27.12 -20.49
N LYS D 300 32.54 -26.40 -20.33
CA LYS D 300 33.86 -27.02 -20.29
C LYS D 300 34.20 -27.25 -18.81
N GLU D 301 33.97 -26.18 -18.04
CA GLU D 301 34.25 -26.14 -16.61
C GLU D 301 32.99 -25.77 -15.82
N ALA D 302 33.13 -25.72 -14.50
CA ALA D 302 32.05 -25.35 -13.58
C ALA D 302 32.14 -23.84 -13.35
N VAL D 303 31.03 -23.12 -13.54
CA VAL D 303 31.00 -21.66 -13.39
C VAL D 303 31.73 -20.98 -12.23
N LEU D 304 31.15 -21.05 -11.03
CA LEU D 304 31.74 -20.42 -9.84
C LEU D 304 33.26 -20.57 -9.80
N ASP D 305 33.78 -21.62 -10.41
CA ASP D 305 35.23 -21.89 -10.44
C ASP D 305 36.00 -21.10 -11.49
N VAL D 306 35.34 -20.14 -12.13
CA VAL D 306 36.00 -19.33 -13.14
C VAL D 306 36.70 -18.15 -12.48
N ILE D 307 37.93 -17.89 -12.91
CA ILE D 307 38.69 -16.77 -12.40
C ILE D 307 38.45 -15.64 -13.39
N PRO D 308 37.56 -14.70 -13.01
CA PRO D 308 37.11 -13.51 -13.74
C PRO D 308 38.21 -12.49 -14.07
N THR D 309 38.29 -12.06 -15.32
CA THR D 309 39.31 -11.08 -15.71
C THR D 309 38.78 -9.66 -15.70
N ASP D 310 38.04 -9.28 -16.75
CA ASP D 310 37.46 -7.94 -16.81
C ASP D 310 36.07 -8.04 -16.18
N ILE D 311 35.89 -7.35 -15.06
CA ILE D 311 34.65 -7.30 -14.30
C ILE D 311 33.41 -7.57 -15.14
N HIS D 312 33.47 -7.18 -16.42
CA HIS D 312 32.34 -7.38 -17.34
C HIS D 312 32.54 -8.50 -18.36
N GLN D 313 33.28 -9.53 -17.95
CA GLN D 313 33.52 -10.71 -18.77
C GLN D 313 32.17 -11.43 -18.64
N ARG D 314 31.90 -12.39 -19.53
CA ARG D 314 30.64 -13.13 -19.45
C ARG D 314 30.84 -14.62 -19.17
N ALA D 315 30.13 -15.47 -19.93
CA ALA D 315 30.22 -16.91 -19.79
C ALA D 315 28.92 -17.64 -20.13
N PRO D 316 29.02 -18.85 -20.71
CA PRO D 316 27.81 -19.59 -21.03
C PRO D 316 27.38 -20.21 -19.70
N VAL D 317 26.10 -20.19 -19.38
CA VAL D 317 25.69 -20.76 -18.11
C VAL D 317 24.62 -21.81 -18.29
N ILE D 318 24.88 -22.99 -17.76
CA ILE D 318 23.93 -24.10 -17.83
C ILE D 318 23.60 -24.36 -16.37
N LEU D 319 22.36 -24.72 -16.07
CA LEU D 319 22.03 -24.99 -14.69
C LEU D 319 20.61 -25.44 -14.46
N GLY D 320 20.43 -26.06 -13.30
CA GLY D 320 19.16 -26.58 -12.90
C GLY D 320 19.44 -27.83 -12.12
N SER D 321 18.40 -28.62 -11.91
CA SER D 321 18.51 -29.88 -11.19
C SER D 321 19.76 -30.65 -11.62
N PRO D 322 20.38 -31.41 -10.70
CA PRO D 322 21.57 -32.16 -11.07
C PRO D 322 21.27 -33.03 -12.28
N ASP D 323 20.69 -34.20 -12.04
CA ASP D 323 20.33 -35.14 -13.10
C ASP D 323 20.44 -34.50 -14.48
N ASP D 324 19.56 -33.53 -14.74
CA ASP D 324 19.52 -32.83 -16.00
C ASP D 324 20.86 -32.16 -16.40
N VAL D 325 21.47 -31.41 -15.50
CA VAL D 325 22.76 -30.77 -15.83
C VAL D 325 23.69 -31.81 -16.39
N LEU D 326 24.29 -32.57 -15.48
CA LEU D 326 25.23 -33.67 -15.78
C LEU D 326 24.79 -34.45 -17.02
N GLU D 327 23.48 -34.52 -17.24
CA GLU D 327 22.90 -35.20 -18.40
C GLU D 327 23.48 -34.43 -19.56
N PHE D 328 23.16 -33.15 -19.61
CA PHE D 328 23.70 -32.30 -20.66
C PHE D 328 25.20 -32.50 -20.63
N LEU D 329 25.84 -31.99 -19.58
CA LEU D 329 27.29 -32.10 -19.41
C LEU D 329 27.86 -33.33 -20.07
N LYS D 330 27.22 -34.47 -19.88
CA LYS D 330 27.72 -35.69 -20.50
C LYS D 330 27.91 -35.41 -21.97
N VAL D 331 26.83 -35.10 -22.66
CA VAL D 331 26.91 -34.80 -24.08
C VAL D 331 28.02 -33.83 -24.40
N TYR D 332 28.22 -32.84 -23.54
CA TYR D 332 29.26 -31.87 -23.81
C TYR D 332 30.53 -32.64 -24.15
N GLU D 333 30.70 -33.83 -23.59
CA GLU D 333 31.91 -34.61 -23.91
C GLU D 333 31.77 -35.47 -25.15
N LYS D 334 30.56 -36.00 -25.38
CA LYS D 334 30.32 -36.84 -26.54
C LYS D 334 30.62 -35.99 -27.77
N HIS D 335 30.91 -34.72 -27.50
CA HIS D 335 31.26 -33.75 -28.53
C HIS D 335 32.51 -32.99 -28.07
N SER D 336 33.52 -33.76 -27.66
CA SER D 336 34.82 -33.23 -27.20
C SER D 336 36.00 -33.96 -27.88
N ALA D 337 37.05 -33.30 -28.11
#